data_9QGF
#
_entry.id   9QGF
#
_cell.length_a   55.5
_cell.length_b   68.08
_cell.length_c   91.71
_cell.angle_alpha   90
_cell.angle_beta   93.7
_cell.angle_gamma   90
#
_symmetry.space_group_name_H-M   'P 1 21 1'
#
loop_
_entity.id
_entity.type
_entity.pdbx_description
1 polymer 'All1865 protein'
2 non-polymer 'FLAVIN MONONUCLEOTIDE'
3 non-polymer 1,2-ETHANEDIOL
4 non-polymer 1-[(6~{R})-3,3-diethanoyl-6-methyl-cyclohexa-1,4-dien-1-yl]ethanone
5 non-polymer 'SODIUM ION'
6 non-polymer 'CHLORIDE ION'
7 water water
#
_entity_poly.entity_id   1
_entity_poly.type   'polypeptide(L)'
_entity_poly.pdbx_seq_one_letter_code
;MGHHHHHHGSGSTNINLFSSYQLGELELPNRIVMAPLTRSRAGEGNVPHQLNAIYYGQRASAGLIIAEATQVTPQGQGYP
HTPGIHSPEQVAGWKLVTDTVHQQGGRIFLQLWHVGRISHPDLQPDGGLPVAPSAIAPKGEVLTYEGKKPYVTPRALDTS
EIPAIVEQYRQGAANALAAGFDGVEIHAANGYLIDQFLRDGTNQRTDEYGGAIENRARLLLEVTEAITSVWDSQRVGVRL
SPLTTLNGCVDSHPLETFGYVAQALNRFNLSYLHIFEAIDADIRHGGTVVPTSHLRDRFTGTLIVNGGYTREKGDTVIAN
KAADLVAFGTLFISNPDLPERLEVNAPLNQADPKTFYGGGEKGYTDYPFLAVANK
;
_entity_poly.pdbx_strand_id   A,B
#
loop_
_chem_comp.id
_chem_comp.type
_chem_comp.name
_chem_comp.formula
A1I6V non-polymer 1-[(6~{R})-3,3-diethanoyl-6-methyl-cyclohexa-1,4-dien-1-yl]ethanone 'C13 H16 O3'
CL non-polymer 'CHLORIDE ION' 'Cl -1'
EDO non-polymer 1,2-ETHANEDIOL 'C2 H6 O2'
FMN non-polymer 'FLAVIN MONONUCLEOTIDE' 'C17 H21 N4 O9 P'
NA non-polymer 'SODIUM ION' 'Na 1'
#
# COMPACT_ATOMS: atom_id res chain seq x y z
N ILE A 15 -13.64 12.53 -13.77
CA ILE A 15 -14.60 11.87 -12.81
C ILE A 15 -15.05 12.81 -11.69
N ASN A 16 -16.28 12.62 -11.18
CA ASN A 16 -16.84 13.41 -10.09
C ASN A 16 -17.79 12.53 -9.27
N LEU A 17 -18.55 13.19 -8.41
N LEU A 17 -18.54 13.15 -8.34
CA LEU A 17 -19.41 12.53 -7.43
CA LEU A 17 -19.43 12.44 -7.43
C LEU A 17 -20.56 11.81 -8.15
C LEU A 17 -20.46 11.63 -8.22
N PHE A 18 -20.75 12.07 -9.45
CA PHE A 18 -21.83 11.47 -10.22
C PHE A 18 -21.32 10.39 -11.17
N SER A 19 -20.02 10.11 -11.16
CA SER A 19 -19.49 9.05 -12.00
C SER A 19 -19.93 7.68 -11.48
N SER A 20 -20.15 6.73 -12.41
CA SER A 20 -20.42 5.37 -11.95
C SER A 20 -19.15 4.74 -11.38
N TYR A 21 -19.34 3.59 -10.76
CA TYR A 21 -18.24 2.92 -10.10
C TYR A 21 -18.51 1.42 -10.06
N GLN A 22 -17.48 0.61 -10.34
CA GLN A 22 -17.58 -0.82 -10.18
C GLN A 22 -17.01 -1.23 -8.82
N LEU A 23 -17.89 -1.68 -7.91
CA LEU A 23 -17.52 -2.22 -6.60
C LEU A 23 -17.70 -3.73 -6.60
N GLY A 24 -16.65 -4.45 -7.00
CA GLY A 24 -16.75 -5.89 -7.20
C GLY A 24 -17.69 -6.16 -8.35
N GLU A 25 -18.74 -6.94 -8.11
CA GLU A 25 -19.73 -7.19 -9.16
C GLU A 25 -20.87 -6.15 -9.12
N LEU A 26 -20.84 -5.24 -8.15
CA LEU A 26 -21.93 -4.27 -8.05
C LEU A 26 -21.60 -3.02 -8.87
N GLU A 27 -22.58 -2.53 -9.61
N GLU A 27 -22.57 -2.59 -9.65
CA GLU A 27 -22.40 -1.34 -10.44
CA GLU A 27 -22.48 -1.36 -10.40
C GLU A 27 -23.09 -0.15 -9.80
C GLU A 27 -23.11 -0.26 -9.56
N LEU A 28 -22.29 0.73 -9.17
CA LEU A 28 -22.83 1.89 -8.44
C LEU A 28 -23.10 3.01 -9.44
N PRO A 29 -24.31 3.60 -9.44
CA PRO A 29 -24.63 4.66 -10.39
C PRO A 29 -23.95 6.01 -10.12
N ASN A 30 -23.43 6.17 -8.89
CA ASN A 30 -22.77 7.42 -8.48
C ASN A 30 -21.78 7.06 -7.38
N ARG A 31 -21.01 8.07 -6.94
CA ARG A 31 -19.98 7.86 -5.93
C ARG A 31 -20.48 8.25 -4.53
N ILE A 32 -21.79 8.48 -4.40
CA ILE A 32 -22.36 9.00 -3.17
C ILE A 32 -22.83 7.85 -2.30
N VAL A 33 -22.30 7.75 -1.07
CA VAL A 33 -22.69 6.69 -0.16
C VAL A 33 -23.46 7.27 1.01
N MET A 34 -24.52 6.54 1.43
CA MET A 34 -25.16 6.89 2.70
C MET A 34 -24.38 6.26 3.84
N ALA A 35 -23.76 7.09 4.68
CA ALA A 35 -23.00 6.61 5.82
C ALA A 35 -23.94 5.88 6.78
N PRO A 36 -23.38 4.94 7.59
CA PRO A 36 -24.17 4.27 8.64
C PRO A 36 -24.63 5.23 9.72
N LEU A 37 -25.95 5.17 10.03
CA LEU A 37 -26.50 6.14 10.99
C LEU A 37 -27.44 5.43 11.95
N THR A 38 -27.01 5.34 13.20
CA THR A 38 -27.88 4.79 14.23
C THR A 38 -29.09 5.69 14.43
N ARG A 39 -30.29 5.10 14.32
CA ARG A 39 -31.53 5.88 14.46
C ARG A 39 -32.39 5.35 15.60
N SER A 40 -32.01 4.21 16.18
CA SER A 40 -32.62 3.64 17.39
C SER A 40 -34.14 3.50 17.24
N ARG A 41 -34.61 2.95 16.10
CA ARG A 41 -36.04 2.81 15.82
C ARG A 41 -36.37 1.33 15.51
N ALA A 42 -35.76 0.40 16.25
CA ALA A 42 -36.13 -1.01 16.16
C ALA A 42 -37.32 -1.29 17.07
N GLY A 43 -38.10 -2.34 16.73
CA GLY A 43 -39.27 -2.70 17.54
C GLY A 43 -38.92 -3.79 18.55
N GLU A 44 -39.93 -4.47 19.10
CA GLU A 44 -39.73 -5.50 20.10
C GLU A 44 -38.72 -6.54 19.56
N GLY A 45 -37.81 -7.00 20.43
CA GLY A 45 -36.77 -7.93 20.06
C GLY A 45 -35.71 -7.30 19.16
N ASN A 46 -35.67 -5.96 19.08
CA ASN A 46 -34.68 -5.25 18.24
C ASN A 46 -34.85 -5.67 16.78
N VAL A 47 -36.10 -5.79 16.34
CA VAL A 47 -36.44 -6.26 15.01
C VAL A 47 -36.82 -5.08 14.12
N PRO A 48 -36.20 -4.92 12.91
CA PRO A 48 -36.67 -3.90 11.97
C PRO A 48 -38.10 -4.12 11.52
N HIS A 49 -38.72 -3.05 11.03
CA HIS A 49 -40.14 -3.11 10.67
C HIS A 49 -40.40 -2.19 9.48
N GLN A 50 -41.66 -2.15 9.01
CA GLN A 50 -41.98 -1.47 7.76
C GLN A 50 -41.44 -0.04 7.71
N LEU A 51 -41.58 0.70 8.83
CA LEU A 51 -41.14 2.10 8.82
C LEU A 51 -39.66 2.21 8.42
N ASN A 52 -38.84 1.31 8.97
CA ASN A 52 -37.43 1.31 8.61
C ASN A 52 -37.23 1.03 7.11
N ALA A 53 -38.05 0.11 6.57
CA ALA A 53 -37.98 -0.19 5.14
C ALA A 53 -38.30 1.05 4.31
N ILE A 54 -39.31 1.83 4.72
CA ILE A 54 -39.62 3.05 4.00
C ILE A 54 -38.43 4.02 4.06
N TYR A 55 -37.85 4.22 5.25
CA TYR A 55 -36.72 5.14 5.42
C TYR A 55 -35.57 4.78 4.47
N TYR A 56 -35.18 3.50 4.44
CA TYR A 56 -34.06 3.18 3.55
C TYR A 56 -34.51 3.21 2.08
N GLY A 57 -35.76 2.77 1.80
CA GLY A 57 -36.19 2.84 0.40
C GLY A 57 -36.21 4.26 -0.15
N GLN A 58 -36.55 5.24 0.71
CA GLN A 58 -36.55 6.65 0.32
C GLN A 58 -35.16 7.10 -0.15
N ARG A 59 -34.09 6.45 0.35
CA ARG A 59 -32.70 6.85 0.16
C ARG A 59 -32.00 6.00 -0.90
N ALA A 60 -32.77 5.19 -1.65
CA ALA A 60 -32.20 4.19 -2.53
C ALA A 60 -31.51 4.78 -3.77
N SER A 61 -31.58 6.09 -4.01
CA SER A 61 -30.81 6.71 -5.07
C SER A 61 -29.30 6.82 -4.73
N ALA A 62 -28.95 6.58 -3.46
CA ALA A 62 -27.53 6.50 -3.06
C ALA A 62 -26.81 5.48 -3.94
N GLY A 63 -25.56 5.79 -4.33
CA GLY A 63 -24.72 4.80 -4.98
C GLY A 63 -24.64 3.51 -4.17
N LEU A 64 -24.50 3.66 -2.84
CA LEU A 64 -24.54 2.54 -1.93
C LEU A 64 -25.09 3.09 -0.60
N ILE A 65 -26.00 2.34 0.03
CA ILE A 65 -26.41 2.62 1.42
C ILE A 65 -25.62 1.69 2.36
N ILE A 66 -25.04 2.25 3.41
N ILE A 66 -25.02 2.27 3.41
CA ILE A 66 -24.54 1.44 4.51
CA ILE A 66 -24.53 1.48 4.54
C ILE A 66 -25.54 1.59 5.66
C ILE A 66 -25.59 1.61 5.64
N ALA A 67 -26.24 0.49 5.98
CA ALA A 67 -27.26 0.56 7.04
C ALA A 67 -26.61 0.81 8.39
N GLU A 68 -27.41 1.33 9.33
CA GLU A 68 -27.02 1.64 10.70
C GLU A 68 -26.27 0.47 11.34
N ALA A 69 -25.43 0.82 12.33
CA ALA A 69 -24.76 -0.19 13.15
C ALA A 69 -25.78 -1.17 13.74
N THR A 70 -25.50 -2.47 13.59
CA THR A 70 -26.48 -3.49 13.96
C THR A 70 -25.76 -4.58 14.75
N GLN A 71 -26.14 -4.76 16.03
CA GLN A 71 -25.38 -5.65 16.91
C GLN A 71 -25.45 -7.11 16.39
N VAL A 72 -24.28 -7.77 16.39
CA VAL A 72 -24.21 -9.13 15.82
C VAL A 72 -24.62 -10.20 16.85
N THR A 73 -24.83 -9.82 18.11
CA THR A 73 -25.03 -10.75 19.22
C THR A 73 -25.63 -9.94 20.37
N PRO A 74 -26.47 -10.51 21.26
CA PRO A 74 -27.06 -9.71 22.32
C PRO A 74 -26.10 -8.85 23.13
N GLN A 75 -24.92 -9.41 23.49
CA GLN A 75 -23.98 -8.63 24.26
C GLN A 75 -23.43 -7.42 23.51
N GLY A 76 -23.60 -7.39 22.18
CA GLY A 76 -23.04 -6.30 21.40
C GLY A 76 -23.95 -5.07 21.35
N GLN A 77 -25.12 -5.09 22.03
CA GLN A 77 -25.97 -3.92 22.10
C GLN A 77 -25.50 -2.97 23.23
N GLY A 78 -25.47 -1.66 22.93
CA GLY A 78 -25.11 -0.67 23.94
C GLY A 78 -26.11 0.48 24.08
N TYR A 79 -27.13 0.58 23.18
CA TYR A 79 -28.11 1.66 23.26
C TYR A 79 -29.50 1.05 23.08
N PRO A 80 -30.53 1.56 23.79
CA PRO A 80 -31.89 1.06 23.58
C PRO A 80 -32.33 1.13 22.12
N HIS A 81 -33.02 0.06 21.66
CA HIS A 81 -33.78 0.09 20.42
C HIS A 81 -32.92 0.16 19.15
N THR A 82 -31.67 -0.28 19.28
CA THR A 82 -30.89 -0.50 18.05
C THR A 82 -31.24 -1.89 17.49
N PRO A 83 -31.27 -2.10 16.15
CA PRO A 83 -31.59 -3.41 15.61
C PRO A 83 -30.44 -4.39 15.74
N GLY A 84 -30.79 -5.67 15.81
CA GLY A 84 -29.79 -6.74 15.83
C GLY A 84 -29.78 -7.51 14.52
N ILE A 85 -28.79 -8.41 14.38
CA ILE A 85 -28.71 -9.33 13.25
C ILE A 85 -28.26 -10.70 13.79
N HIS A 86 -28.81 -11.06 14.96
CA HIS A 86 -28.49 -12.33 15.58
C HIS A 86 -29.69 -13.28 15.61
N SER A 87 -30.92 -12.83 15.36
CA SER A 87 -32.07 -13.72 15.48
C SER A 87 -32.81 -13.95 14.16
N PRO A 88 -33.61 -15.04 14.01
N PRO A 88 -33.56 -15.07 14.02
CA PRO A 88 -34.40 -15.23 12.79
CA PRO A 88 -34.40 -15.29 12.85
C PRO A 88 -35.43 -14.12 12.56
C PRO A 88 -35.42 -14.18 12.58
N GLU A 89 -35.98 -13.61 13.67
CA GLU A 89 -36.96 -12.56 13.56
C GLU A 89 -36.29 -11.28 13.06
N GLN A 90 -35.03 -11.03 13.49
CA GLN A 90 -34.33 -9.88 12.98
C GLN A 90 -34.01 -10.05 11.49
N VAL A 91 -33.65 -11.28 11.07
CA VAL A 91 -33.39 -11.52 9.66
C VAL A 91 -34.63 -11.15 8.85
N ALA A 92 -35.80 -11.62 9.35
CA ALA A 92 -37.05 -11.38 8.62
C ALA A 92 -37.38 -9.87 8.53
N GLY A 93 -37.14 -9.14 9.62
CA GLY A 93 -37.42 -7.70 9.60
C GLY A 93 -36.45 -6.98 8.65
N TRP A 94 -35.16 -7.36 8.67
CA TRP A 94 -34.22 -6.76 7.73
C TRP A 94 -34.56 -7.09 6.27
N LYS A 95 -35.17 -8.26 6.03
N LYS A 95 -35.17 -8.26 6.05
CA LYS A 95 -35.50 -8.62 4.65
CA LYS A 95 -35.54 -8.64 4.70
C LYS A 95 -36.59 -7.68 4.11
C LYS A 95 -36.56 -7.64 4.14
N LEU A 96 -37.47 -7.15 4.99
CA LEU A 96 -38.41 -6.11 4.58
C LEU A 96 -37.61 -4.93 4.01
N VAL A 97 -36.54 -4.55 4.71
CA VAL A 97 -35.74 -3.40 4.31
C VAL A 97 -34.98 -3.65 2.99
N THR A 98 -34.31 -4.82 2.88
CA THR A 98 -33.51 -5.05 1.67
C THR A 98 -34.43 -5.27 0.47
N ASP A 99 -35.59 -5.89 0.70
CA ASP A 99 -36.55 -6.02 -0.41
C ASP A 99 -36.98 -4.65 -0.92
N THR A 100 -37.32 -3.71 0.00
CA THR A 100 -37.77 -2.39 -0.43
C THR A 100 -36.62 -1.68 -1.18
N VAL A 101 -35.40 -1.72 -0.60
CA VAL A 101 -34.30 -1.01 -1.29
C VAL A 101 -34.08 -1.59 -2.69
N HIS A 102 -34.12 -2.92 -2.81
CA HIS A 102 -33.97 -3.57 -4.12
C HIS A 102 -35.10 -3.19 -5.07
N GLN A 103 -36.35 -3.14 -4.56
CA GLN A 103 -37.48 -2.76 -5.39
C GLN A 103 -37.26 -1.36 -5.97
N GLN A 104 -36.56 -0.51 -5.20
CA GLN A 104 -36.36 0.89 -5.55
C GLN A 104 -35.06 1.04 -6.33
N GLY A 105 -34.41 -0.10 -6.63
CA GLY A 105 -33.22 -0.09 -7.49
C GLY A 105 -31.92 0.32 -6.79
N GLY A 106 -31.89 0.18 -5.47
CA GLY A 106 -30.73 0.55 -4.67
C GLY A 106 -29.87 -0.65 -4.27
N ARG A 107 -28.80 -0.36 -3.52
CA ARG A 107 -27.87 -1.36 -3.02
C ARG A 107 -27.58 -1.04 -1.56
N ILE A 108 -27.43 -2.06 -0.73
CA ILE A 108 -27.36 -1.81 0.72
C ILE A 108 -26.45 -2.86 1.38
N PHE A 109 -25.51 -2.35 2.18
CA PHE A 109 -24.71 -3.22 3.01
C PHE A 109 -25.11 -3.02 4.47
N LEU A 110 -24.92 -4.05 5.31
CA LEU A 110 -25.27 -3.92 6.74
C LEU A 110 -23.99 -3.67 7.55
N GLN A 111 -23.99 -2.63 8.42
CA GLN A 111 -22.86 -2.41 9.30
C GLN A 111 -22.97 -3.32 10.52
N LEU A 112 -21.94 -4.18 10.72
CA LEU A 112 -21.96 -5.19 11.75
C LEU A 112 -21.25 -4.63 12.99
N TRP A 113 -21.95 -4.66 14.13
CA TRP A 113 -21.53 -3.97 15.36
C TRP A 113 -21.37 -4.91 16.54
N HIS A 114 -20.46 -4.51 17.42
CA HIS A 114 -20.46 -4.96 18.80
C HIS A 114 -19.93 -3.79 19.61
N VAL A 115 -20.71 -3.33 20.60
CA VAL A 115 -20.32 -2.10 21.31
C VAL A 115 -19.19 -2.31 22.32
N GLY A 116 -18.85 -3.58 22.63
CA GLY A 116 -17.84 -3.82 23.67
C GLY A 116 -18.22 -3.10 24.97
N ARG A 117 -17.30 -2.30 25.54
CA ARG A 117 -17.53 -1.72 26.87
C ARG A 117 -18.61 -0.63 26.89
N ILE A 118 -19.05 -0.13 25.70
CA ILE A 118 -19.98 0.98 25.66
C ILE A 118 -21.39 0.42 25.73
N SER A 119 -21.80 0.05 26.97
CA SER A 119 -23.08 -0.62 27.19
C SER A 119 -23.37 -0.50 28.69
N HIS A 120 -24.42 -1.21 29.13
CA HIS A 120 -24.73 -1.20 30.55
C HIS A 120 -25.36 -2.55 30.85
N PRO A 121 -25.17 -3.10 32.05
CA PRO A 121 -25.81 -4.37 32.41
C PRO A 121 -27.30 -4.44 32.05
N ASP A 122 -28.01 -3.31 32.14
CA ASP A 122 -29.45 -3.35 31.86
C ASP A 122 -29.76 -3.78 30.41
N LEU A 123 -28.78 -3.63 29.50
CA LEU A 123 -28.93 -4.01 28.11
C LEU A 123 -28.34 -5.38 27.83
N GLN A 124 -27.71 -6.01 28.85
CA GLN A 124 -26.94 -7.22 28.62
C GLN A 124 -27.79 -8.44 29.01
N PRO A 125 -27.55 -9.60 28.37
CA PRO A 125 -28.19 -10.83 28.84
C PRO A 125 -27.93 -11.11 30.31
N ASP A 126 -29.01 -11.40 31.05
CA ASP A 126 -28.94 -11.75 32.45
C ASP A 126 -28.35 -10.63 33.30
N GLY A 127 -28.32 -9.39 32.78
CA GLY A 127 -27.78 -8.27 33.53
C GLY A 127 -26.29 -8.39 33.80
N GLY A 128 -25.57 -9.11 32.91
CA GLY A 128 -24.14 -9.32 33.04
C GLY A 128 -23.32 -8.10 32.62
N LEU A 129 -22.00 -8.22 32.76
CA LEU A 129 -21.15 -7.10 32.41
C LEU A 129 -20.92 -7.04 30.90
N PRO A 130 -20.87 -5.81 30.33
CA PRO A 130 -20.30 -5.59 29.01
C PRO A 130 -18.89 -6.18 28.94
N VAL A 131 -18.51 -6.64 27.73
CA VAL A 131 -17.18 -7.21 27.52
C VAL A 131 -16.29 -6.23 26.77
N ALA A 132 -14.96 -6.41 26.92
CA ALA A 132 -14.01 -5.45 26.39
C ALA A 132 -12.63 -6.11 26.37
N PRO A 133 -11.61 -5.55 25.69
CA PRO A 133 -10.24 -6.08 25.79
C PRO A 133 -9.67 -5.97 27.21
N SER A 134 -10.01 -4.85 27.88
CA SER A 134 -9.43 -4.54 29.19
C SER A 134 -10.49 -3.94 30.10
N ALA A 135 -10.35 -4.15 31.42
CA ALA A 135 -11.40 -3.75 32.36
C ALA A 135 -11.26 -2.26 32.70
N ILE A 136 -11.71 -1.38 31.77
CA ILE A 136 -11.57 0.07 31.88
C ILE A 136 -12.95 0.66 31.70
N ALA A 137 -13.48 1.24 32.80
CA ALA A 137 -14.83 1.80 32.76
C ALA A 137 -14.83 3.05 31.89
N PRO A 138 -15.76 3.18 30.92
CA PRO A 138 -15.98 4.50 30.31
C PRO A 138 -16.39 5.51 31.38
N LYS A 139 -16.12 6.78 31.09
CA LYS A 139 -16.45 7.87 32.00
C LYS A 139 -17.91 8.29 31.78
N GLY A 140 -18.56 8.66 32.89
CA GLY A 140 -19.87 9.31 32.86
C GLY A 140 -21.02 8.33 32.86
N GLU A 141 -22.08 8.67 32.13
CA GLU A 141 -23.33 7.92 32.20
C GLU A 141 -23.72 7.37 30.81
N VAL A 142 -24.57 6.34 30.84
CA VAL A 142 -25.00 5.60 29.66
C VAL A 142 -26.53 5.46 29.74
N LEU A 143 -27.19 5.62 28.60
CA LEU A 143 -28.64 5.54 28.51
C LEU A 143 -29.13 4.10 28.65
N THR A 144 -30.10 3.87 29.55
CA THR A 144 -30.71 2.56 29.70
C THR A 144 -32.20 2.71 29.40
N TYR A 145 -33.01 1.68 29.70
CA TYR A 145 -34.47 1.79 29.57
C TYR A 145 -35.05 2.63 30.70
N GLU A 146 -34.25 2.85 31.75
CA GLU A 146 -34.66 3.66 32.90
C GLU A 146 -33.86 4.94 33.04
N GLY A 147 -33.52 5.56 31.90
CA GLY A 147 -32.78 6.82 31.92
C GLY A 147 -31.28 6.56 32.02
N LYS A 148 -30.53 7.64 32.24
CA LYS A 148 -29.08 7.57 32.29
C LYS A 148 -28.64 6.98 33.62
N LYS A 149 -27.64 6.10 33.56
CA LYS A 149 -27.06 5.48 34.74
C LYS A 149 -25.55 5.52 34.60
N PRO A 150 -24.77 5.54 35.71
CA PRO A 150 -23.32 5.49 35.56
C PRO A 150 -22.87 4.21 34.87
N TYR A 151 -21.84 4.34 34.03
CA TYR A 151 -21.17 3.16 33.49
C TYR A 151 -20.63 2.29 34.64
N VAL A 152 -20.57 0.96 34.38
CA VAL A 152 -19.73 0.11 35.20
C VAL A 152 -18.46 -0.30 34.44
N THR A 153 -17.62 -1.10 35.10
CA THR A 153 -16.37 -1.52 34.49
C THR A 153 -16.68 -2.76 33.68
N PRO A 154 -16.24 -2.83 32.40
CA PRO A 154 -16.49 -4.02 31.61
C PRO A 154 -15.58 -5.18 32.05
N ARG A 155 -15.98 -6.41 31.73
CA ARG A 155 -15.13 -7.56 31.98
C ARG A 155 -14.14 -7.72 30.82
N ALA A 156 -12.84 -7.87 31.14
CA ALA A 156 -11.88 -8.17 30.08
C ALA A 156 -12.07 -9.60 29.59
N LEU A 157 -12.17 -9.77 28.27
CA LEU A 157 -12.37 -11.11 27.71
C LEU A 157 -11.18 -12.02 28.04
N ASP A 158 -11.47 -13.30 28.33
CA ASP A 158 -10.37 -14.28 28.40
C ASP A 158 -9.85 -14.53 26.99
N THR A 159 -8.55 -14.92 26.89
CA THR A 159 -7.98 -15.30 25.61
C THR A 159 -8.85 -16.36 24.92
N SER A 160 -9.32 -17.32 25.72
CA SER A 160 -10.07 -18.45 25.19
C SER A 160 -11.45 -18.04 24.67
N GLU A 161 -11.90 -16.81 24.93
CA GLU A 161 -13.22 -16.35 24.54
C GLU A 161 -13.17 -15.65 23.19
N ILE A 162 -11.98 -15.31 22.71
CA ILE A 162 -11.92 -14.53 21.46
C ILE A 162 -12.53 -15.31 20.29
N PRO A 163 -12.33 -16.65 20.18
CA PRO A 163 -12.99 -17.38 19.10
C PRO A 163 -14.51 -17.22 19.11
N ALA A 164 -15.07 -17.09 20.31
CA ALA A 164 -16.52 -16.91 20.37
C ALA A 164 -16.96 -15.54 19.85
N ILE A 165 -16.14 -14.48 20.10
CA ILE A 165 -16.45 -13.17 19.55
C ILE A 165 -16.41 -13.27 18.01
N VAL A 166 -15.34 -13.90 17.47
CA VAL A 166 -15.19 -14.03 16.02
C VAL A 166 -16.38 -14.80 15.44
N GLU A 167 -16.81 -15.85 16.13
CA GLU A 167 -17.95 -16.65 15.67
C GLU A 167 -19.25 -15.83 15.72
N GLN A 168 -19.41 -14.94 16.72
CA GLN A 168 -20.62 -14.12 16.75
C GLN A 168 -20.63 -13.18 15.53
N TYR A 169 -19.45 -12.66 15.15
CA TYR A 169 -19.43 -11.82 13.94
C TYR A 169 -19.70 -12.66 12.69
N ARG A 170 -19.14 -13.89 12.64
CA ARG A 170 -19.38 -14.76 11.47
C ARG A 170 -20.89 -15.04 11.37
N GLN A 171 -21.55 -15.34 12.49
CA GLN A 171 -23.00 -15.61 12.43
C GLN A 171 -23.80 -14.36 12.06
N GLY A 172 -23.38 -13.18 12.58
CA GLY A 172 -24.02 -11.93 12.21
C GLY A 172 -23.93 -11.71 10.70
N ALA A 173 -22.74 -11.96 10.12
CA ALA A 173 -22.58 -11.80 8.68
C ALA A 173 -23.45 -12.80 7.90
N ALA A 174 -23.54 -14.05 8.40
CA ALA A 174 -24.36 -15.07 7.74
C ALA A 174 -25.83 -14.66 7.78
N ASN A 175 -26.26 -14.16 8.94
CA ASN A 175 -27.64 -13.66 9.03
C ASN A 175 -27.87 -12.51 8.05
N ALA A 176 -26.88 -11.60 7.91
CA ALA A 176 -27.06 -10.50 6.95
C ALA A 176 -27.23 -11.06 5.53
N LEU A 177 -26.46 -12.12 5.19
CA LEU A 177 -26.58 -12.69 3.87
C LEU A 177 -28.00 -13.27 3.67
N ALA A 178 -28.53 -13.95 4.72
CA ALA A 178 -29.87 -14.50 4.63
C ALA A 178 -30.93 -13.40 4.57
N ALA A 179 -30.62 -12.20 5.09
CA ALA A 179 -31.55 -11.07 5.09
C ALA A 179 -31.57 -10.36 3.73
N GLY A 180 -30.67 -10.75 2.81
CA GLY A 180 -30.71 -10.21 1.47
C GLY A 180 -29.89 -8.94 1.27
N PHE A 181 -28.95 -8.63 2.18
CA PHE A 181 -28.05 -7.50 1.92
C PHE A 181 -27.14 -7.80 0.72
N ASP A 182 -26.56 -6.71 0.16
CA ASP A 182 -25.57 -6.82 -0.94
C ASP A 182 -24.16 -7.01 -0.40
N GLY A 183 -23.95 -6.77 0.90
CA GLY A 183 -22.63 -6.86 1.48
C GLY A 183 -22.70 -6.42 2.95
N VAL A 184 -21.55 -6.39 3.63
CA VAL A 184 -21.50 -5.98 5.04
C VAL A 184 -20.31 -5.04 5.21
N GLU A 185 -20.40 -4.18 6.24
CA GLU A 185 -19.29 -3.33 6.67
C GLU A 185 -18.96 -3.68 8.12
N ILE A 186 -17.68 -3.94 8.39
CA ILE A 186 -17.25 -4.23 9.76
C ILE A 186 -17.01 -2.91 10.49
N HIS A 187 -17.74 -2.70 11.59
CA HIS A 187 -17.57 -1.45 12.31
C HIS A 187 -16.36 -1.58 13.22
N ALA A 188 -15.23 -1.01 12.77
CA ALA A 188 -13.99 -1.01 13.53
C ALA A 188 -13.61 0.44 13.92
N ALA A 189 -14.63 1.24 14.18
CA ALA A 189 -14.46 2.67 14.44
C ALA A 189 -15.22 3.07 15.71
N ASN A 190 -15.17 4.38 15.97
CA ASN A 190 -15.94 5.06 17.00
C ASN A 190 -15.79 4.50 18.41
N GLY A 191 -14.69 3.78 18.69
CA GLY A 191 -14.51 3.32 20.07
C GLY A 191 -15.39 2.12 20.48
N TYR A 192 -15.92 1.37 19.49
CA TYR A 192 -16.67 0.14 19.81
C TYR A 192 -15.72 -1.05 19.89
N LEU A 193 -16.20 -2.29 19.90
CA LEU A 193 -15.38 -3.38 20.46
C LEU A 193 -14.07 -3.58 19.66
N ILE A 194 -14.17 -3.61 18.31
CA ILE A 194 -12.96 -3.88 17.56
C ILE A 194 -11.97 -2.73 17.73
N ASP A 195 -12.48 -1.50 17.76
CA ASP A 195 -11.65 -0.31 17.92
C ASP A 195 -11.00 -0.32 19.33
N GLN A 196 -11.76 -0.78 20.32
CA GLN A 196 -11.24 -0.89 21.67
C GLN A 196 -9.99 -1.79 21.66
N PHE A 197 -10.02 -2.91 20.92
CA PHE A 197 -8.80 -3.72 20.78
C PHE A 197 -7.71 -3.02 19.96
N LEU A 198 -8.07 -2.28 18.90
N LEU A 198 -8.08 -2.25 18.94
CA LEU A 198 -7.07 -1.62 18.07
CA LEU A 198 -7.08 -1.65 18.06
C LEU A 198 -6.17 -0.68 18.88
C LEU A 198 -6.21 -0.61 18.78
N ARG A 199 -6.82 0.15 19.70
CA ARG A 199 -6.19 1.36 20.25
C ARG A 199 -5.58 1.10 21.61
N ASP A 200 -4.35 1.60 21.84
CA ASP A 200 -3.66 1.24 23.07
C ASP A 200 -4.25 1.95 24.28
N GLY A 201 -5.11 2.96 24.04
CA GLY A 201 -5.74 3.60 25.21
C GLY A 201 -6.77 2.70 25.92
N THR A 202 -7.38 1.79 25.16
CA THR A 202 -8.44 0.93 25.64
C THR A 202 -7.97 -0.52 25.79
N ASN A 203 -6.81 -0.84 25.18
CA ASN A 203 -6.29 -2.20 25.16
C ASN A 203 -4.96 -2.24 25.90
N GLN A 204 -4.96 -2.83 27.10
CA GLN A 204 -3.70 -3.06 27.80
C GLN A 204 -3.53 -4.55 28.10
N ARG A 205 -4.02 -5.40 27.18
CA ARG A 205 -3.92 -6.84 27.31
C ARG A 205 -2.47 -7.30 27.23
N THR A 206 -2.20 -8.45 27.85
CA THR A 206 -0.84 -8.99 27.89
C THR A 206 -0.76 -10.35 27.18
N ASP A 207 -1.80 -10.70 26.41
CA ASP A 207 -1.80 -11.90 25.59
C ASP A 207 -1.54 -11.49 24.12
N GLU A 208 -1.87 -12.38 23.17
N GLU A 208 -1.86 -12.38 23.17
CA GLU A 208 -1.54 -12.15 21.78
CA GLU A 208 -1.55 -12.15 21.77
C GLU A 208 -2.47 -11.10 21.16
C GLU A 208 -2.57 -11.21 21.12
N TYR A 209 -3.46 -10.62 21.96
CA TYR A 209 -4.41 -9.61 21.46
C TYR A 209 -4.07 -8.20 21.96
N GLY A 210 -2.95 -8.05 22.69
CA GLY A 210 -2.53 -6.75 23.20
C GLY A 210 -1.04 -6.52 22.95
N GLY A 211 -0.63 -5.25 23.13
CA GLY A 211 0.77 -4.89 23.15
C GLY A 211 1.17 -4.39 21.76
N ALA A 212 1.89 -5.21 21.04
CA ALA A 212 2.37 -4.87 19.71
C ALA A 212 1.18 -4.63 18.76
N ILE A 213 1.42 -3.78 17.76
CA ILE A 213 0.36 -3.49 16.79
C ILE A 213 -0.21 -4.74 16.13
N GLU A 214 0.60 -5.76 15.81
N GLU A 214 0.63 -5.72 15.80
CA GLU A 214 0.08 -6.94 15.13
CA GLU A 214 0.16 -6.95 15.17
C GLU A 214 -0.85 -7.70 16.07
C GLU A 214 -0.90 -7.57 16.07
N ASN A 215 -0.65 -7.49 17.38
CA ASN A 215 -1.53 -8.08 18.37
C ASN A 215 -2.83 -7.28 18.48
N ARG A 216 -2.74 -5.95 18.53
N ARG A 216 -2.74 -5.95 18.53
CA ARG A 216 -3.93 -5.11 18.67
CA ARG A 216 -3.93 -5.11 18.67
C ARG A 216 -4.80 -5.24 17.42
C ARG A 216 -4.80 -5.24 17.42
N ALA A 217 -4.19 -5.48 16.26
CA ALA A 217 -4.95 -5.62 15.01
C ALA A 217 -5.52 -7.03 14.84
N ARG A 218 -5.13 -7.98 15.70
CA ARG A 218 -5.46 -9.38 15.48
C ARG A 218 -6.98 -9.61 15.50
N LEU A 219 -7.73 -9.02 16.45
CA LEU A 219 -9.17 -9.27 16.45
C LEU A 219 -9.81 -8.81 15.13
N LEU A 220 -9.45 -7.59 14.68
CA LEU A 220 -10.00 -7.13 13.40
C LEU A 220 -9.69 -8.15 12.31
N LEU A 221 -8.42 -8.58 12.23
CA LEU A 221 -8.06 -9.48 11.13
C LEU A 221 -8.78 -10.81 11.22
N GLU A 222 -8.97 -11.33 12.44
CA GLU A 222 -9.63 -12.62 12.57
C GLU A 222 -11.13 -12.50 12.25
N VAL A 223 -11.73 -11.40 12.71
CA VAL A 223 -13.13 -11.12 12.36
C VAL A 223 -13.30 -11.01 10.84
N THR A 224 -12.39 -10.26 10.18
CA THR A 224 -12.46 -10.12 8.73
C THR A 224 -12.34 -11.49 8.02
N GLU A 225 -11.38 -12.33 8.47
N GLU A 225 -11.36 -12.31 8.46
CA GLU A 225 -11.13 -13.63 7.88
CA GLU A 225 -11.17 -13.61 7.85
C GLU A 225 -12.37 -14.51 8.01
C GLU A 225 -12.44 -14.43 7.96
N ALA A 226 -13.04 -14.46 9.17
CA ALA A 226 -14.23 -15.27 9.35
C ALA A 226 -15.36 -14.76 8.44
N ILE A 227 -15.52 -13.44 8.34
CA ILE A 227 -16.61 -12.91 7.53
C ILE A 227 -16.40 -13.19 6.05
N THR A 228 -15.13 -13.19 5.57
CA THR A 228 -14.86 -13.55 4.19
C THR A 228 -15.05 -15.05 3.92
N SER A 229 -15.33 -15.87 4.95
CA SER A 229 -15.73 -17.25 4.77
C SER A 229 -17.21 -17.40 4.41
N VAL A 230 -17.98 -16.34 4.69
CA VAL A 230 -19.42 -16.32 4.41
C VAL A 230 -19.69 -15.52 3.14
N TRP A 231 -19.04 -14.35 3.03
CA TRP A 231 -19.24 -13.42 1.92
C TRP A 231 -18.06 -13.46 0.96
N ASP A 232 -18.35 -13.27 -0.33
CA ASP A 232 -17.27 -12.88 -1.20
C ASP A 232 -16.60 -11.63 -0.63
N SER A 233 -15.24 -11.63 -0.65
CA SER A 233 -14.49 -10.59 0.02
C SER A 233 -14.79 -9.21 -0.54
N GLN A 234 -15.14 -9.13 -1.83
N GLN A 234 -15.15 -9.15 -1.83
CA GLN A 234 -15.43 -7.87 -2.48
CA GLN A 234 -15.45 -7.89 -2.49
C GLN A 234 -16.81 -7.32 -2.06
C GLN A 234 -16.78 -7.30 -2.02
N ARG A 235 -17.52 -8.02 -1.16
CA ARG A 235 -18.73 -7.48 -0.58
C ARG A 235 -18.53 -7.21 0.91
N VAL A 236 -17.28 -7.18 1.41
CA VAL A 236 -17.01 -6.91 2.82
C VAL A 236 -16.18 -5.64 2.91
N GLY A 237 -16.70 -4.60 3.57
CA GLY A 237 -15.88 -3.42 3.85
C GLY A 237 -15.47 -3.30 5.31
N VAL A 238 -14.52 -2.39 5.61
CA VAL A 238 -14.13 -2.13 7.01
C VAL A 238 -14.17 -0.62 7.23
N ARG A 239 -14.66 -0.20 8.41
CA ARG A 239 -14.65 1.24 8.71
C ARG A 239 -13.74 1.51 9.90
N LEU A 240 -12.87 2.53 9.74
CA LEU A 240 -12.00 3.04 10.79
C LEU A 240 -12.25 4.54 10.99
N SER A 241 -11.85 5.05 12.18
CA SER A 241 -12.00 6.48 12.46
C SER A 241 -10.74 6.96 13.18
N PRO A 242 -9.62 7.10 12.44
CA PRO A 242 -8.33 7.18 13.10
C PRO A 242 -8.17 8.28 14.13
N LEU A 243 -8.88 9.40 13.96
CA LEU A 243 -8.63 10.53 14.84
C LEU A 243 -9.86 10.88 15.68
N THR A 244 -10.82 9.97 15.76
CA THR A 244 -11.88 10.23 16.74
C THR A 244 -11.34 10.07 18.15
N THR A 245 -12.01 10.75 19.09
CA THR A 245 -11.77 10.46 20.50
C THR A 245 -13.08 10.00 21.16
N LEU A 246 -14.11 9.78 20.35
CA LEU A 246 -15.42 9.27 20.80
C LEU A 246 -15.27 8.07 21.76
N ASN A 247 -16.14 8.00 22.78
CA ASN A 247 -16.22 6.84 23.64
C ASN A 247 -14.89 6.56 24.33
N GLY A 248 -14.09 7.61 24.52
CA GLY A 248 -12.91 7.47 25.32
C GLY A 248 -11.85 6.57 24.69
N CYS A 249 -11.85 6.41 23.37
CA CYS A 249 -10.99 5.44 22.70
C CYS A 249 -9.95 6.20 21.86
N VAL A 250 -8.68 6.17 22.29
CA VAL A 250 -7.64 6.92 21.62
C VAL A 250 -6.40 6.04 21.55
N ASP A 251 -5.60 6.28 20.51
CA ASP A 251 -4.34 5.55 20.37
C ASP A 251 -3.19 6.54 20.43
N SER A 252 -2.09 6.11 21.07
CA SER A 252 -0.99 7.04 21.24
C SER A 252 -0.15 7.25 19.97
N HIS A 253 -0.26 6.36 18.98
CA HIS A 253 0.52 6.51 17.76
C HIS A 253 -0.37 6.21 16.55
N PRO A 254 -1.38 7.07 16.27
CA PRO A 254 -2.39 6.80 15.26
C PRO A 254 -1.80 6.66 13.85
N LEU A 255 -0.71 7.37 13.55
CA LEU A 255 -0.16 7.25 12.21
C LEU A 255 0.33 5.81 11.97
N GLU A 256 1.10 5.27 12.92
N GLU A 256 1.13 5.29 12.91
CA GLU A 256 1.69 3.94 12.78
CA GLU A 256 1.70 3.95 12.82
C GLU A 256 0.62 2.85 12.93
C GLU A 256 0.58 2.91 12.89
N THR A 257 -0.30 3.05 13.87
CA THR A 257 -1.37 2.06 14.08
C THR A 257 -2.26 1.93 12.85
N PHE A 258 -2.82 3.06 12.37
CA PHE A 258 -3.78 3.01 11.27
C PHE A 258 -3.08 2.74 9.94
N GLY A 259 -1.84 3.23 9.80
CA GLY A 259 -1.06 2.94 8.62
C GLY A 259 -0.77 1.44 8.49
N TYR A 260 -0.47 0.79 9.63
CA TYR A 260 -0.29 -0.66 9.66
C TYR A 260 -1.58 -1.37 9.26
N VAL A 261 -2.71 -0.99 9.88
CA VAL A 261 -3.96 -1.64 9.55
C VAL A 261 -4.31 -1.48 8.06
N ALA A 262 -4.07 -0.29 7.46
CA ALA A 262 -4.42 -0.10 6.06
C ALA A 262 -3.63 -1.08 5.18
N GLN A 263 -2.37 -1.39 5.56
CA GLN A 263 -1.59 -2.34 4.78
C GLN A 263 -2.03 -3.77 5.05
N ALA A 264 -2.38 -4.07 6.32
CA ALA A 264 -2.67 -5.44 6.71
C ALA A 264 -3.97 -5.88 6.06
N LEU A 265 -4.90 -4.94 5.82
CA LEU A 265 -6.17 -5.34 5.24
C LEU A 265 -6.07 -5.73 3.75
N ASN A 266 -4.94 -5.45 3.09
CA ASN A 266 -4.85 -5.70 1.66
C ASN A 266 -4.92 -7.21 1.32
N ARG A 267 -4.45 -8.07 2.24
N ARG A 267 -4.49 -8.05 2.27
CA ARG A 267 -4.47 -9.52 2.04
CA ARG A 267 -4.46 -9.50 2.20
C ARG A 267 -5.87 -10.01 1.69
C ARG A 267 -5.84 -10.12 1.96
N PHE A 268 -6.90 -9.33 2.22
CA PHE A 268 -8.25 -9.87 2.14
C PHE A 268 -8.98 -9.54 0.84
N ASN A 269 -8.44 -8.65 0.00
CA ASN A 269 -9.13 -8.18 -1.19
C ASN A 269 -10.57 -7.75 -0.88
N LEU A 270 -10.69 -6.76 0.02
CA LEU A 270 -11.97 -6.31 0.54
C LEU A 270 -12.67 -5.40 -0.48
N SER A 271 -13.97 -5.21 -0.23
CA SER A 271 -14.78 -4.27 -0.99
C SER A 271 -14.17 -2.88 -0.95
N TYR A 272 -13.84 -2.44 0.28
CA TYR A 272 -13.36 -1.08 0.45
C TYR A 272 -12.86 -0.89 1.89
N LEU A 273 -12.15 0.22 2.09
CA LEU A 273 -11.81 0.74 3.41
C LEU A 273 -12.54 2.09 3.51
N HIS A 274 -13.28 2.30 4.62
CA HIS A 274 -14.09 3.50 4.83
C HIS A 274 -13.51 4.27 6.01
N ILE A 275 -13.11 5.52 5.75
CA ILE A 275 -12.55 6.36 6.81
C ILE A 275 -13.53 7.45 7.18
N PHE A 276 -13.90 7.47 8.48
CA PHE A 276 -14.59 8.59 9.07
C PHE A 276 -13.49 9.54 9.56
N GLU A 277 -13.44 10.70 8.91
CA GLU A 277 -12.45 11.73 9.24
C GLU A 277 -13.06 12.68 10.29
N ALA A 278 -12.63 12.56 11.54
CA ALA A 278 -13.22 13.33 12.65
C ALA A 278 -13.17 14.84 12.32
N ILE A 279 -14.30 15.53 12.55
CA ILE A 279 -14.46 16.92 12.18
C ILE A 279 -13.62 17.82 13.11
N ASP A 280 -13.32 17.33 14.34
CA ASP A 280 -12.71 18.15 15.40
C ASP A 280 -11.23 17.78 15.55
N ALA A 281 -10.72 16.90 14.69
CA ALA A 281 -9.36 16.40 14.86
C ALA A 281 -8.34 17.53 14.80
N ASP A 282 -8.44 18.39 13.78
CA ASP A 282 -7.41 19.41 13.67
C ASP A 282 -7.44 20.37 14.86
N ILE A 283 -8.66 20.74 15.30
CA ILE A 283 -8.82 21.78 16.31
C ILE A 283 -8.30 21.26 17.65
N ARG A 284 -8.49 19.95 17.88
N ARG A 284 -8.32 19.92 17.82
CA ARG A 284 -7.98 19.31 19.08
CA ARG A 284 -8.07 19.26 19.10
C ARG A 284 -6.49 19.07 18.93
C ARG A 284 -6.74 18.50 19.15
N HIS A 285 -6.15 18.17 17.99
CA HIS A 285 -4.83 17.54 17.91
C HIS A 285 -3.76 18.57 17.55
N GLY A 286 -4.20 19.81 17.25
CA GLY A 286 -3.31 20.93 16.97
C GLY A 286 -2.66 20.80 15.60
N GLY A 287 -3.39 20.15 14.69
CA GLY A 287 -2.89 19.80 13.37
C GLY A 287 -3.31 18.39 12.99
N THR A 288 -2.74 17.95 11.87
CA THR A 288 -3.16 16.79 11.11
C THR A 288 -2.23 15.61 11.39
N VAL A 289 -2.65 14.73 12.29
CA VAL A 289 -1.79 13.67 12.77
C VAL A 289 -1.76 12.54 11.75
N VAL A 290 -2.93 12.19 11.20
CA VAL A 290 -3.04 11.08 10.26
C VAL A 290 -3.73 11.57 9.00
N PRO A 291 -3.02 12.19 8.02
CA PRO A 291 -3.70 12.59 6.79
C PRO A 291 -4.26 11.36 6.09
N THR A 292 -5.49 11.45 5.56
CA THR A 292 -6.10 10.30 4.90
C THR A 292 -5.23 9.81 3.72
N SER A 293 -4.45 10.72 3.12
CA SER A 293 -3.54 10.33 2.04
C SER A 293 -2.59 9.23 2.48
N HIS A 294 -2.19 9.25 3.75
CA HIS A 294 -1.31 8.19 4.26
C HIS A 294 -2.01 6.83 4.09
N LEU A 295 -3.33 6.78 4.39
CA LEU A 295 -4.04 5.51 4.31
C LEU A 295 -4.38 5.16 2.86
N ARG A 296 -4.77 6.16 2.06
CA ARG A 296 -4.97 6.01 0.62
C ARG A 296 -3.76 5.33 -0.03
N ASP A 297 -2.57 5.74 0.39
CA ASP A 297 -1.37 5.20 -0.24
C ASP A 297 -1.04 3.77 0.20
N ARG A 298 -1.60 3.33 1.33
N ARG A 298 -1.65 3.31 1.30
CA ARG A 298 -1.26 2.03 1.90
CA ARG A 298 -1.25 2.06 1.93
C ARG A 298 -2.29 0.99 1.51
C ARG A 298 -2.33 0.99 1.80
N PHE A 299 -3.58 1.39 1.53
CA PHE A 299 -4.67 0.47 1.21
C PHE A 299 -4.85 0.51 -0.30
N THR A 300 -4.76 -0.65 -0.98
CA THR A 300 -4.65 -0.68 -2.43
C THR A 300 -6.02 -0.78 -3.11
N GLY A 301 -7.11 -0.81 -2.32
CA GLY A 301 -8.45 -0.99 -2.86
C GLY A 301 -9.26 0.30 -2.87
N THR A 302 -10.60 0.14 -2.96
CA THR A 302 -11.52 1.27 -2.96
C THR A 302 -11.47 1.97 -1.60
N LEU A 303 -11.38 3.32 -1.61
CA LEU A 303 -11.46 4.10 -0.38
C LEU A 303 -12.72 4.93 -0.37
N ILE A 304 -13.45 4.84 0.75
CA ILE A 304 -14.57 5.75 1.01
C ILE A 304 -14.10 6.75 2.06
N VAL A 305 -14.34 8.05 1.85
CA VAL A 305 -14.03 9.03 2.87
C VAL A 305 -15.31 9.69 3.32
N ASN A 306 -15.27 10.31 4.52
CA ASN A 306 -16.50 10.77 5.16
C ASN A 306 -16.13 11.80 6.22
N GLY A 307 -17.02 12.80 6.39
CA GLY A 307 -16.87 13.75 7.47
C GLY A 307 -16.95 15.17 6.92
N GLY A 308 -18.15 15.75 6.99
CA GLY A 308 -18.40 17.14 6.62
C GLY A 308 -18.27 17.39 5.12
N TYR A 309 -18.51 16.37 4.28
CA TYR A 309 -18.44 16.56 2.84
C TYR A 309 -19.64 17.34 2.27
N THR A 310 -19.37 17.98 1.11
CA THR A 310 -20.32 18.76 0.35
C THR A 310 -20.20 18.30 -1.10
N ARG A 311 -21.03 18.82 -2.02
CA ARG A 311 -20.80 18.53 -3.44
C ARG A 311 -19.38 18.95 -3.85
N GLU A 312 -18.97 20.15 -3.43
N GLU A 312 -18.97 20.18 -3.53
CA GLU A 312 -17.73 20.79 -3.83
CA GLU A 312 -17.66 20.66 -3.94
C GLU A 312 -16.53 20.00 -3.29
C GLU A 312 -16.57 19.76 -3.35
N LYS A 313 -16.60 19.58 -2.03
CA LYS A 313 -15.53 18.84 -1.38
C LYS A 313 -15.47 17.41 -1.92
N GLY A 314 -16.63 16.80 -2.15
CA GLY A 314 -16.68 15.43 -2.67
C GLY A 314 -16.15 15.34 -4.11
N ASP A 315 -16.55 16.28 -4.97
CA ASP A 315 -16.05 16.29 -6.35
C ASP A 315 -14.52 16.39 -6.36
N THR A 316 -13.99 17.25 -5.47
CA THR A 316 -12.56 17.48 -5.45
C THR A 316 -11.82 16.21 -5.05
N VAL A 317 -12.27 15.51 -4.00
CA VAL A 317 -11.49 14.35 -3.57
C VAL A 317 -11.52 13.26 -4.63
N ILE A 318 -12.63 13.17 -5.37
CA ILE A 318 -12.72 12.20 -6.44
C ILE A 318 -11.80 12.59 -7.59
N ALA A 319 -11.87 13.86 -7.99
CA ALA A 319 -11.11 14.34 -9.13
C ALA A 319 -9.60 14.22 -8.87
N ASN A 320 -9.22 14.41 -7.60
CA ASN A 320 -7.82 14.41 -7.19
C ASN A 320 -7.31 12.98 -6.93
N LYS A 321 -8.18 11.98 -7.06
CA LYS A 321 -7.82 10.57 -6.85
C LYS A 321 -7.50 10.30 -5.38
N ALA A 322 -7.97 11.19 -4.49
CA ALA A 322 -7.77 11.03 -3.06
C ALA A 322 -8.73 9.99 -2.48
N ALA A 323 -9.86 9.75 -3.14
CA ALA A 323 -10.81 8.76 -2.67
C ALA A 323 -11.64 8.32 -3.84
N ASP A 324 -12.33 7.19 -3.69
CA ASP A 324 -13.17 6.72 -4.79
C ASP A 324 -14.65 7.00 -4.53
N LEU A 325 -15.03 6.99 -3.25
CA LEU A 325 -16.43 7.08 -2.86
C LEU A 325 -16.51 8.06 -1.71
N VAL A 326 -17.64 8.80 -1.60
CA VAL A 326 -17.79 9.79 -0.55
C VAL A 326 -19.07 9.49 0.23
N ALA A 327 -18.97 9.25 1.55
CA ALA A 327 -20.18 8.97 2.34
C ALA A 327 -20.61 10.23 3.07
N PHE A 328 -21.96 10.43 3.10
CA PHE A 328 -22.60 11.53 3.78
C PHE A 328 -23.52 10.95 4.85
N GLY A 329 -23.39 11.44 6.08
CA GLY A 329 -24.23 11.00 7.19
C GLY A 329 -25.36 12.01 7.40
N THR A 330 -25.00 13.11 8.07
CA THR A 330 -25.98 14.12 8.43
C THR A 330 -26.90 14.50 7.25
N LEU A 331 -26.35 14.80 6.06
CA LEU A 331 -27.20 15.29 4.98
C LEU A 331 -28.16 14.23 4.49
N PHE A 332 -27.85 12.95 4.70
CA PHE A 332 -28.76 11.89 4.27
C PHE A 332 -29.91 11.73 5.26
N ILE A 333 -29.69 12.13 6.53
CA ILE A 333 -30.79 12.13 7.47
C ILE A 333 -31.90 13.02 6.88
N SER A 334 -31.50 14.24 6.49
CA SER A 334 -32.51 15.27 6.18
C SER A 334 -32.89 15.32 4.69
N ASN A 335 -32.13 14.64 3.82
CA ASN A 335 -32.41 14.77 2.39
C ASN A 335 -32.46 13.37 1.79
N PRO A 336 -33.66 12.80 1.61
CA PRO A 336 -33.76 11.43 1.10
C PRO A 336 -33.21 11.32 -0.31
N ASP A 337 -33.45 12.37 -1.10
CA ASP A 337 -32.96 12.48 -2.47
C ASP A 337 -31.67 13.33 -2.50
N LEU A 338 -30.76 13.11 -1.54
CA LEU A 338 -29.49 13.85 -1.48
C LEU A 338 -28.74 13.82 -2.82
N PRO A 339 -28.58 12.67 -3.51
CA PRO A 339 -27.87 12.65 -4.79
C PRO A 339 -28.39 13.69 -5.79
N GLU A 340 -29.72 13.69 -5.97
CA GLU A 340 -30.34 14.59 -6.94
C GLU A 340 -30.12 16.05 -6.53
N ARG A 341 -30.29 16.32 -5.23
CA ARG A 341 -30.17 17.67 -4.73
C ARG A 341 -28.75 18.17 -4.96
N LEU A 342 -27.77 17.31 -4.65
CA LEU A 342 -26.39 17.71 -4.88
C LEU A 342 -26.15 17.92 -6.38
N GLU A 343 -26.71 17.04 -7.22
CA GLU A 343 -26.42 17.10 -8.65
C GLU A 343 -26.88 18.42 -9.27
N VAL A 344 -28.04 18.94 -8.81
CA VAL A 344 -28.59 20.16 -9.41
C VAL A 344 -28.34 21.39 -8.53
N ASN A 345 -27.54 21.23 -7.46
CA ASN A 345 -27.24 22.31 -6.51
C ASN A 345 -28.53 22.92 -5.93
N ALA A 346 -29.47 22.04 -5.57
CA ALA A 346 -30.75 22.41 -4.98
C ALA A 346 -30.52 22.81 -3.52
N PRO A 347 -31.43 23.59 -2.90
CA PRO A 347 -31.40 23.77 -1.45
C PRO A 347 -31.45 22.42 -0.75
N LEU A 348 -30.85 22.35 0.43
CA LEU A 348 -30.82 21.12 1.22
C LEU A 348 -31.70 21.32 2.43
N ASN A 349 -32.48 20.30 2.79
CA ASN A 349 -33.19 20.32 4.08
C ASN A 349 -32.21 20.32 5.25
N GLN A 350 -32.55 21.07 6.30
CA GLN A 350 -31.74 21.05 7.53
C GLN A 350 -32.11 19.88 8.44
N ALA A 351 -31.10 19.15 8.94
CA ALA A 351 -31.30 18.02 9.85
C ALA A 351 -31.70 18.52 11.24
N ASP A 352 -32.66 17.81 11.86
CA ASP A 352 -33.11 18.17 13.20
C ASP A 352 -32.53 17.18 14.19
N PRO A 353 -31.51 17.57 14.99
CA PRO A 353 -30.87 16.67 15.93
C PRO A 353 -31.81 16.04 16.95
N LYS A 354 -32.88 16.76 17.30
CA LYS A 354 -33.82 16.31 18.31
C LYS A 354 -34.44 14.96 17.94
N THR A 355 -34.48 14.61 16.64
CA THR A 355 -35.15 13.40 16.20
C THR A 355 -34.18 12.42 15.54
N PHE A 356 -32.88 12.65 15.75
CA PHE A 356 -31.93 11.67 15.24
C PHE A 356 -32.14 10.30 15.89
N TYR A 357 -32.27 10.27 17.23
CA TYR A 357 -32.31 8.97 17.90
C TYR A 357 -33.66 8.67 18.57
N GLY A 358 -34.25 7.51 18.23
CA GLY A 358 -35.51 7.10 18.77
C GLY A 358 -36.71 7.74 18.07
N GLY A 359 -37.89 7.24 18.42
CA GLY A 359 -39.13 7.84 17.97
C GLY A 359 -39.69 7.07 16.79
N GLY A 360 -40.24 7.82 15.83
CA GLY A 360 -41.02 7.21 14.75
C GLY A 360 -40.82 8.02 13.48
N GLU A 361 -41.92 8.29 12.77
CA GLU A 361 -41.82 8.88 11.46
C GLU A 361 -41.20 10.29 11.50
N LYS A 362 -41.56 11.07 12.53
N LYS A 362 -41.52 11.06 12.53
CA LYS A 362 -41.10 12.46 12.61
CA LYS A 362 -41.10 12.46 12.53
C LYS A 362 -39.57 12.46 12.60
C LYS A 362 -39.59 12.56 12.67
N GLY A 363 -38.98 13.27 11.72
CA GLY A 363 -37.53 13.40 11.62
C GLY A 363 -36.87 12.12 11.10
N TYR A 364 -37.66 11.26 10.44
CA TYR A 364 -37.12 9.99 9.93
C TYR A 364 -37.56 9.79 8.48
N THR A 365 -38.89 9.69 8.27
CA THR A 365 -39.42 9.45 6.92
C THR A 365 -40.19 10.66 6.39
N ASP A 366 -40.20 11.75 7.16
CA ASP A 366 -41.03 12.88 6.75
C ASP A 366 -40.21 14.09 6.32
N TYR A 367 -38.92 13.88 6.06
CA TYR A 367 -38.17 14.94 5.38
C TYR A 367 -38.58 14.90 3.92
N PRO A 368 -38.96 16.04 3.31
CA PRO A 368 -39.48 16.06 1.95
C PRO A 368 -38.45 15.85 0.83
N PHE A 369 -38.96 15.26 -0.27
CA PHE A 369 -38.27 15.21 -1.55
C PHE A 369 -38.40 16.55 -2.26
N LEU A 370 -37.53 16.74 -3.24
CA LEU A 370 -37.48 17.98 -3.99
C LEU A 370 -38.77 18.12 -4.82
N ILE B 15 26.63 11.02 -34.23
CA ILE B 15 25.73 10.20 -33.36
C ILE B 15 25.21 11.09 -32.23
N ASN B 16 24.00 10.81 -31.74
CA ASN B 16 23.42 11.60 -30.68
C ASN B 16 22.44 10.71 -29.92
N LEU B 17 21.62 11.34 -29.07
N LEU B 17 21.65 11.31 -29.00
CA LEU B 17 20.77 10.60 -28.15
CA LEU B 17 20.75 10.54 -28.15
C LEU B 17 19.66 9.85 -28.90
C LEU B 17 19.77 9.71 -28.97
N PHE B 18 19.45 10.19 -30.19
CA PHE B 18 18.39 9.57 -30.99
C PHE B 18 18.94 8.56 -31.99
N SER B 19 20.27 8.37 -32.02
CA SER B 19 20.86 7.35 -32.88
C SER B 19 20.49 5.94 -32.40
N SER B 20 20.27 5.03 -33.37
CA SER B 20 20.04 3.63 -33.04
C SER B 20 21.32 3.02 -32.46
N TYR B 21 21.19 1.85 -31.81
CA TYR B 21 22.34 1.15 -31.25
C TYR B 21 22.06 -0.36 -31.30
N GLN B 22 23.12 -1.14 -31.53
CA GLN B 22 23.08 -2.60 -31.51
C GLN B 22 23.61 -3.12 -30.16
N LEU B 23 22.68 -3.55 -29.30
CA LEU B 23 23.01 -4.08 -28.00
C LEU B 23 22.92 -5.61 -28.05
N GLY B 24 24.02 -6.26 -28.43
CA GLY B 24 23.93 -7.69 -28.65
C GLY B 24 23.08 -7.97 -29.89
N GLU B 25 22.05 -8.81 -29.72
CA GLU B 25 21.09 -9.07 -30.79
C GLU B 25 19.95 -8.05 -30.77
N LEU B 26 19.93 -7.13 -29.80
CA LEU B 26 18.80 -6.22 -29.67
C LEU B 26 19.08 -4.92 -30.43
N GLU B 27 18.11 -4.51 -31.24
N GLU B 27 18.12 -4.44 -31.21
CA GLU B 27 18.13 -3.22 -31.90
CA GLU B 27 18.30 -3.18 -31.91
C GLU B 27 17.49 -2.18 -30.98
C GLU B 27 17.54 -2.08 -31.18
N LEU B 28 18.29 -1.21 -30.48
CA LEU B 28 17.73 -0.12 -29.71
C LEU B 28 17.45 1.05 -30.65
N PRO B 29 16.24 1.63 -30.63
CA PRO B 29 15.90 2.70 -31.54
C PRO B 29 16.51 4.05 -31.20
N ASN B 30 17.04 4.20 -29.97
CA ASN B 30 17.67 5.45 -29.56
C ASN B 30 18.65 5.10 -28.43
N ARG B 31 19.34 6.11 -27.89
CA ARG B 31 20.34 5.84 -26.85
C ARG B 31 19.80 6.17 -25.46
N ILE B 32 18.49 6.39 -25.37
CA ILE B 32 17.87 6.81 -24.11
C ILE B 32 17.41 5.60 -23.32
N VAL B 33 17.91 5.49 -22.08
CA VAL B 33 17.56 4.35 -21.24
C VAL B 33 16.72 4.85 -20.08
N MET B 34 15.70 4.06 -19.72
CA MET B 34 15.04 4.35 -18.47
C MET B 34 15.82 3.68 -17.33
N ALA B 35 16.36 4.51 -16.43
CA ALA B 35 17.12 4.00 -15.27
C ALA B 35 16.20 3.18 -14.38
N PRO B 36 16.75 2.22 -13.60
CA PRO B 36 15.93 1.49 -12.63
C PRO B 36 15.43 2.40 -11.52
N LEU B 37 14.11 2.29 -11.23
CA LEU B 37 13.48 3.19 -10.26
C LEU B 37 12.53 2.40 -9.36
N THR B 38 12.94 2.20 -8.10
CA THR B 38 12.06 1.65 -7.07
C THR B 38 10.83 2.54 -6.90
N ARG B 39 9.63 1.96 -7.06
CA ARG B 39 8.36 2.68 -6.87
C ARG B 39 7.48 2.06 -5.79
N SER B 40 7.88 0.91 -5.24
CA SER B 40 7.23 0.28 -4.08
C SER B 40 5.71 0.09 -4.26
N ARG B 41 5.32 -0.41 -5.44
CA ARG B 41 3.91 -0.62 -5.78
C ARG B 41 3.67 -2.10 -6.15
N ALA B 42 4.29 -3.01 -5.42
CA ALA B 42 4.00 -4.44 -5.59
C ALA B 42 2.76 -4.79 -4.77
N GLY B 43 2.01 -5.80 -5.26
CA GLY B 43 0.84 -6.31 -4.54
C GLY B 43 1.19 -7.41 -3.56
N GLU B 44 0.18 -8.10 -3.06
CA GLU B 44 0.36 -9.19 -2.10
C GLU B 44 1.34 -10.23 -2.65
N GLY B 45 2.23 -10.69 -1.76
CA GLY B 45 3.31 -11.61 -2.13
C GLY B 45 4.40 -10.89 -2.92
N ASN B 46 4.44 -9.54 -2.89
CA ASN B 46 5.43 -8.74 -3.64
C ASN B 46 5.31 -9.04 -5.14
N VAL B 47 4.07 -9.18 -5.64
CA VAL B 47 3.82 -9.58 -7.02
C VAL B 47 3.43 -8.36 -7.86
N PRO B 48 4.08 -8.14 -9.03
CA PRO B 48 3.61 -7.09 -9.95
C PRO B 48 2.21 -7.36 -10.49
N HIS B 49 1.56 -6.28 -10.91
CA HIS B 49 0.17 -6.34 -11.34
C HIS B 49 -0.05 -5.39 -12.52
N GLN B 50 -1.31 -5.32 -12.99
CA GLN B 50 -1.63 -4.67 -14.26
C GLN B 50 -1.21 -3.20 -14.24
N LEU B 51 -1.34 -2.55 -13.05
CA LEU B 51 -0.97 -1.14 -12.94
C LEU B 51 0.53 -0.96 -13.28
N ASN B 52 1.34 -1.89 -12.78
CA ASN B 52 2.78 -1.80 -13.05
C ASN B 52 3.03 -1.98 -14.55
N ALA B 53 2.29 -2.90 -15.19
CA ALA B 53 2.41 -3.14 -16.63
C ALA B 53 2.08 -1.88 -17.44
N ILE B 54 1.00 -1.17 -17.04
CA ILE B 54 0.68 0.08 -17.70
C ILE B 54 1.84 1.07 -17.57
N TYR B 55 2.36 1.21 -16.34
CA TYR B 55 3.45 2.16 -16.10
C TYR B 55 4.64 1.89 -17.01
N TYR B 56 5.08 0.63 -17.07
CA TYR B 56 6.22 0.36 -17.95
C TYR B 56 5.83 0.49 -19.43
N GLY B 57 4.61 0.06 -19.78
CA GLY B 57 4.16 0.14 -21.17
C GLY B 57 4.14 1.59 -21.65
N GLN B 58 3.81 2.52 -20.75
CA GLN B 58 3.76 3.94 -21.08
C GLN B 58 5.14 4.47 -21.48
N ARG B 59 6.21 3.80 -21.03
CA ARG B 59 7.58 4.27 -21.17
C ARG B 59 8.33 3.45 -22.21
N ALA B 60 7.60 2.64 -23.00
CA ALA B 60 8.23 1.71 -23.92
C ALA B 60 8.93 2.37 -25.10
N SER B 61 8.79 3.69 -25.29
CA SER B 61 9.58 4.37 -26.31
C SER B 61 11.06 4.47 -25.94
N ALA B 62 11.42 4.20 -24.68
CA ALA B 62 12.83 4.20 -24.32
C ALA B 62 13.57 3.21 -25.21
N GLY B 63 14.83 3.54 -25.53
CA GLY B 63 15.70 2.57 -26.20
C GLY B 63 15.82 1.27 -25.40
N LEU B 64 15.89 1.38 -24.07
CA LEU B 64 15.87 0.22 -23.19
C LEU B 64 15.27 0.65 -21.85
N ILE B 65 14.36 -0.16 -21.31
CA ILE B 65 13.90 0.07 -19.94
C ILE B 65 14.73 -0.84 -19.03
N ILE B 66 15.21 -0.30 -17.91
CA ILE B 66 15.73 -1.16 -16.83
C ILE B 66 14.68 -1.09 -15.73
N ALA B 67 14.04 -2.23 -15.47
CA ALA B 67 13.01 -2.24 -14.42
C ALA B 67 13.62 -2.02 -13.04
N GLU B 68 12.78 -1.55 -12.11
CA GLU B 68 13.14 -1.29 -10.71
C GLU B 68 13.88 -2.48 -10.08
N ALA B 69 14.65 -2.16 -9.06
CA ALA B 69 15.34 -3.19 -8.30
C ALA B 69 14.35 -4.23 -7.81
N THR B 70 14.70 -5.52 -7.97
CA THR B 70 13.74 -6.58 -7.70
C THR B 70 14.45 -7.70 -6.94
N GLN B 71 14.03 -7.93 -5.69
CA GLN B 71 14.78 -8.85 -4.84
C GLN B 71 14.75 -10.27 -5.39
N VAL B 72 15.95 -10.90 -5.41
CA VAL B 72 16.11 -12.24 -5.97
C VAL B 72 15.71 -13.35 -5.01
N THR B 73 15.45 -13.00 -3.74
CA THR B 73 15.21 -13.99 -2.70
C THR B 73 14.60 -13.22 -1.52
N PRO B 74 13.78 -13.84 -0.65
CA PRO B 74 13.08 -13.08 0.39
C PRO B 74 14.03 -12.25 1.26
N GLN B 75 15.20 -12.81 1.61
CA GLN B 75 16.12 -12.05 2.46
C GLN B 75 16.67 -10.80 1.76
N GLY B 76 16.53 -10.73 0.43
CA GLY B 76 17.07 -9.60 -0.32
C GLY B 76 16.15 -8.38 -0.30
N GLN B 77 14.96 -8.48 0.35
CA GLN B 77 14.07 -7.32 0.47
C GLN B 77 14.52 -6.40 1.61
N GLY B 78 14.50 -5.08 1.35
CA GLY B 78 14.86 -4.08 2.36
C GLY B 78 13.81 -2.98 2.58
N TYR B 79 12.79 -2.87 1.69
CA TYR B 79 11.79 -1.82 1.76
C TYR B 79 10.43 -2.45 1.54
N PRO B 80 9.37 -2.01 2.26
CA PRO B 80 8.05 -2.57 2.02
C PRO B 80 7.61 -2.46 0.56
N HIS B 81 6.97 -3.54 0.06
CA HIS B 81 6.23 -3.52 -1.20
C HIS B 81 7.08 -3.33 -2.45
N THR B 82 8.34 -3.74 -2.39
CA THR B 82 9.12 -3.87 -3.62
C THR B 82 8.85 -5.25 -4.22
N PRO B 83 8.82 -5.39 -5.56
CA PRO B 83 8.56 -6.68 -6.19
C PRO B 83 9.73 -7.65 -6.04
N GLY B 84 9.41 -8.95 -6.05
CA GLY B 84 10.46 -9.96 -6.08
C GLY B 84 10.50 -10.72 -7.42
N ILE B 85 11.50 -11.59 -7.54
CA ILE B 85 11.61 -12.46 -8.72
C ILE B 85 12.02 -13.86 -8.25
N HIS B 86 11.40 -14.30 -7.15
CA HIS B 86 11.74 -15.59 -6.60
C HIS B 86 10.58 -16.57 -6.54
N SER B 87 9.33 -16.18 -6.88
CA SER B 87 8.19 -17.09 -6.76
C SER B 87 7.51 -17.23 -8.11
N PRO B 88 6.75 -18.33 -8.38
N PRO B 88 6.69 -18.29 -8.36
CA PRO B 88 5.95 -18.41 -9.59
CA PRO B 88 5.96 -18.39 -9.61
C PRO B 88 4.98 -17.23 -9.75
C PRO B 88 4.88 -17.32 -9.77
N GLU B 89 4.38 -16.79 -8.64
CA GLU B 89 3.37 -15.73 -8.71
C GLU B 89 4.05 -14.43 -9.13
N GLN B 90 5.30 -14.22 -8.68
CA GLN B 90 6.02 -13.03 -9.11
C GLN B 90 6.39 -13.14 -10.58
N VAL B 91 6.84 -14.32 -11.04
CA VAL B 91 7.16 -14.46 -12.45
C VAL B 91 5.91 -14.11 -13.30
N ALA B 92 4.75 -14.60 -12.90
CA ALA B 92 3.54 -14.37 -13.68
C ALA B 92 3.17 -12.88 -13.71
N GLY B 93 3.36 -12.21 -12.55
CA GLY B 93 3.13 -10.78 -12.44
C GLY B 93 4.04 -10.03 -13.41
N TRP B 94 5.32 -10.43 -13.38
CA TRP B 94 6.27 -9.76 -14.27
C TRP B 94 5.98 -10.06 -15.74
N LYS B 95 5.42 -11.24 -16.03
CA LYS B 95 5.10 -11.55 -17.42
C LYS B 95 4.05 -10.56 -17.94
N LEU B 96 3.13 -10.09 -17.07
CA LEU B 96 2.16 -9.07 -17.51
C LEU B 96 2.94 -7.85 -17.99
N VAL B 97 3.97 -7.45 -17.21
CA VAL B 97 4.75 -6.28 -17.58
C VAL B 97 5.55 -6.50 -18.87
N THR B 98 6.21 -7.65 -19.01
CA THR B 98 7.02 -7.82 -20.22
C THR B 98 6.10 -7.97 -21.43
N ASP B 99 4.95 -8.63 -21.26
CA ASP B 99 3.98 -8.78 -22.34
C ASP B 99 3.59 -7.37 -22.85
N THR B 100 3.27 -6.45 -21.91
CA THR B 100 2.82 -5.10 -22.28
C THR B 100 3.95 -4.37 -22.99
N VAL B 101 5.14 -4.39 -22.37
CA VAL B 101 6.27 -3.69 -22.98
C VAL B 101 6.52 -4.17 -24.39
N HIS B 102 6.52 -5.50 -24.58
CA HIS B 102 6.76 -6.02 -25.92
C HIS B 102 5.63 -5.66 -26.88
N GLN B 103 4.38 -5.71 -26.41
CA GLN B 103 3.29 -5.27 -27.29
C GLN B 103 3.47 -3.83 -27.71
N GLN B 104 4.10 -3.00 -26.84
CA GLN B 104 4.32 -1.62 -27.20
C GLN B 104 5.61 -1.43 -28.01
N GLY B 105 6.30 -2.53 -28.33
CA GLY B 105 7.48 -2.45 -29.20
C GLY B 105 8.74 -2.07 -28.43
N GLY B 106 8.69 -2.24 -27.09
CA GLY B 106 9.79 -1.87 -26.23
C GLY B 106 10.72 -3.05 -25.87
N ARG B 107 11.78 -2.73 -25.10
CA ARG B 107 12.73 -3.72 -24.59
C ARG B 107 12.94 -3.45 -23.11
N ILE B 108 13.07 -4.51 -22.30
CA ILE B 108 13.12 -4.33 -20.86
C ILE B 108 14.05 -5.38 -20.22
N PHE B 109 14.95 -4.87 -19.39
CA PHE B 109 15.81 -5.75 -18.57
C PHE B 109 15.34 -5.64 -17.11
N LEU B 110 15.52 -6.73 -16.34
CA LEU B 110 15.13 -6.67 -14.92
C LEU B 110 16.37 -6.39 -14.07
N GLN B 111 16.30 -5.39 -13.15
CA GLN B 111 17.43 -5.21 -12.22
C GLN B 111 17.32 -6.19 -11.05
N LEU B 112 18.36 -7.05 -10.87
CA LEU B 112 18.34 -8.09 -9.86
C LEU B 112 18.99 -7.57 -8.58
N TRP B 113 18.27 -7.70 -7.45
CA TRP B 113 18.62 -7.03 -6.20
C TRP B 113 18.77 -7.98 -5.01
N HIS B 114 19.73 -7.64 -4.14
CA HIS B 114 19.71 -8.11 -2.77
C HIS B 114 20.19 -6.96 -1.91
N VAL B 115 19.38 -6.55 -0.92
CA VAL B 115 19.71 -5.34 -0.19
C VAL B 115 20.83 -5.56 0.83
N GLY B 116 21.15 -6.82 1.16
CA GLY B 116 22.13 -7.07 2.21
C GLY B 116 21.70 -6.39 3.52
N ARG B 117 22.57 -5.59 4.12
CA ARG B 117 22.34 -5.05 5.45
C ARG B 117 21.26 -3.96 5.44
N ILE B 118 20.85 -3.45 4.26
CA ILE B 118 19.87 -2.36 4.20
C ILE B 118 18.45 -2.94 4.25
N SER B 119 18.05 -3.37 5.45
CA SER B 119 16.79 -4.05 5.64
C SER B 119 16.47 -3.95 7.13
N HIS B 120 15.46 -4.71 7.55
CA HIS B 120 15.12 -4.82 8.95
C HIS B 120 14.55 -6.20 9.21
N PRO B 121 14.72 -6.80 10.42
CA PRO B 121 14.10 -8.10 10.72
C PRO B 121 12.61 -8.20 10.36
N ASP B 122 11.87 -7.08 10.42
CA ASP B 122 10.43 -7.16 10.13
C ASP B 122 10.18 -7.52 8.66
N LEU B 123 11.19 -7.33 7.80
CA LEU B 123 11.05 -7.64 6.38
C LEU B 123 11.74 -8.97 6.02
N GLN B 124 12.36 -9.60 7.01
CA GLN B 124 13.12 -10.82 6.80
C GLN B 124 12.31 -12.07 7.13
N PRO B 125 12.57 -13.22 6.43
CA PRO B 125 11.99 -14.50 6.86
C PRO B 125 12.24 -14.79 8.33
N ASP B 126 11.16 -15.14 9.04
CA ASP B 126 11.19 -15.54 10.44
C ASP B 126 11.78 -14.45 11.31
N GLY B 127 11.73 -13.19 10.83
CA GLY B 127 12.25 -12.07 11.60
C GLY B 127 13.75 -12.22 11.89
N GLY B 128 14.50 -12.87 11.00
CA GLY B 128 15.95 -13.04 11.08
C GLY B 128 16.71 -11.74 10.85
N LEU B 129 18.02 -11.77 11.15
CA LEU B 129 18.87 -10.63 10.82
C LEU B 129 19.08 -10.50 9.32
N PRO B 130 19.08 -9.27 8.75
CA PRO B 130 19.67 -9.04 7.45
C PRO B 130 21.07 -9.61 7.39
N VAL B 131 21.45 -10.03 6.19
CA VAL B 131 22.80 -10.55 5.98
C VAL B 131 23.70 -9.56 5.23
N ALA B 132 25.02 -9.71 5.43
CA ALA B 132 25.96 -8.73 4.91
C ALA B 132 27.36 -9.33 4.90
N PRO B 133 28.38 -8.67 4.30
CA PRO B 133 29.75 -9.16 4.42
C PRO B 133 30.28 -9.06 5.84
N SER B 134 29.91 -7.98 6.54
CA SER B 134 30.43 -7.74 7.89
C SER B 134 29.33 -7.19 8.78
N ALA B 135 29.47 -7.42 10.08
CA ALA B 135 28.43 -7.03 11.03
C ALA B 135 28.61 -5.54 11.40
N ILE B 136 28.16 -4.64 10.52
CA ILE B 136 28.25 -3.20 10.71
C ILE B 136 26.84 -2.66 10.51
N ALA B 137 26.24 -2.09 11.56
CA ALA B 137 24.89 -1.56 11.38
C ALA B 137 24.92 -0.29 10.53
N PRO B 138 24.00 -0.12 9.56
CA PRO B 138 23.83 1.20 8.94
C PRO B 138 23.37 2.22 9.97
N LYS B 139 23.62 3.50 9.70
CA LYS B 139 23.17 4.54 10.60
C LYS B 139 21.75 4.98 10.21
N GLY B 140 21.03 5.46 11.22
CA GLY B 140 19.72 6.09 11.03
C GLY B 140 18.55 5.10 11.16
N GLU B 141 17.51 5.31 10.35
CA GLU B 141 16.25 4.58 10.51
C GLU B 141 15.84 3.93 9.21
N VAL B 142 15.10 2.84 9.33
CA VAL B 142 14.66 2.02 8.21
C VAL B 142 13.15 1.90 8.30
N LEU B 143 12.48 2.01 7.15
CA LEU B 143 11.02 1.91 7.11
C LEU B 143 10.59 0.45 7.21
N THR B 144 9.62 0.16 8.10
CA THR B 144 9.02 -1.16 8.21
C THR B 144 7.52 -1.01 8.00
N TYR B 145 6.77 -2.10 8.10
CA TYR B 145 5.32 -1.99 7.96
C TYR B 145 4.69 -1.20 9.10
N GLU B 146 5.37 -1.21 10.23
CA GLU B 146 4.89 -0.61 11.46
C GLU B 146 5.39 0.83 11.61
N GLY B 147 6.22 1.30 10.65
CA GLY B 147 6.76 2.64 10.73
C GLY B 147 8.30 2.60 10.74
N LYS B 148 8.93 3.76 11.01
CA LYS B 148 10.38 3.83 10.96
C LYS B 148 10.95 3.29 12.27
N LYS B 149 12.07 2.58 12.16
CA LYS B 149 12.68 1.92 13.29
C LYS B 149 14.20 2.00 13.12
N PRO B 150 14.99 1.93 14.21
CA PRO B 150 16.44 1.93 14.06
C PRO B 150 16.88 0.66 13.34
N TYR B 151 17.92 0.79 12.50
CA TYR B 151 18.54 -0.40 11.94
C TYR B 151 19.12 -1.28 13.05
N VAL B 152 19.15 -2.58 12.80
CA VAL B 152 19.93 -3.52 13.62
C VAL B 152 21.27 -3.84 12.96
N THR B 153 22.12 -4.58 13.67
CA THR B 153 23.39 -4.98 13.08
C THR B 153 23.13 -6.22 12.24
N PRO B 154 23.56 -6.27 10.95
CA PRO B 154 23.36 -7.46 10.15
C PRO B 154 24.28 -8.60 10.61
N ARG B 155 23.94 -9.85 10.27
CA ARG B 155 24.84 -10.96 10.48
C ARG B 155 25.84 -11.04 9.32
N ALA B 156 27.13 -11.24 9.64
CA ALA B 156 28.12 -11.46 8.60
C ALA B 156 27.92 -12.88 8.06
N LEU B 157 27.85 -13.01 6.72
CA LEU B 157 27.70 -14.35 6.13
C LEU B 157 28.93 -15.19 6.43
N ASP B 158 28.70 -16.48 6.67
CA ASP B 158 29.80 -17.45 6.73
C ASP B 158 30.37 -17.67 5.33
N THR B 159 31.67 -17.97 5.25
CA THR B 159 32.28 -18.26 3.95
C THR B 159 31.45 -19.31 3.21
N SER B 160 31.01 -20.32 3.96
CA SER B 160 30.29 -21.43 3.36
C SER B 160 28.94 -21.02 2.79
N GLU B 161 28.40 -19.87 3.21
CA GLU B 161 27.10 -19.40 2.71
C GLU B 161 27.23 -18.61 1.41
N ILE B 162 28.44 -18.23 0.97
CA ILE B 162 28.50 -17.37 -0.23
C ILE B 162 27.93 -18.12 -1.43
N PRO B 163 28.18 -19.44 -1.62
CA PRO B 163 27.57 -20.13 -2.75
C PRO B 163 26.04 -19.99 -2.78
N ALA B 164 25.42 -19.96 -1.61
CA ALA B 164 23.96 -19.84 -1.56
C ALA B 164 23.50 -18.49 -2.08
N ILE B 165 24.25 -17.41 -1.75
CA ILE B 165 23.99 -16.10 -2.31
C ILE B 165 24.05 -16.15 -3.83
N VAL B 166 25.17 -16.68 -4.37
CA VAL B 166 25.33 -16.72 -5.81
C VAL B 166 24.16 -17.49 -6.43
N GLU B 167 23.75 -18.61 -5.80
CA GLU B 167 22.66 -19.44 -6.30
C GLU B 167 21.32 -18.68 -6.25
N GLN B 168 21.10 -17.83 -5.23
CA GLN B 168 19.89 -17.00 -5.19
C GLN B 168 19.87 -16.04 -6.38
N TYR B 169 21.03 -15.45 -6.74
CA TYR B 169 21.06 -14.58 -7.91
C TYR B 169 20.88 -15.39 -9.18
N ARG B 170 21.44 -16.60 -9.26
CA ARG B 170 21.27 -17.44 -10.46
C ARG B 170 19.79 -17.74 -10.66
N GLN B 171 19.10 -18.13 -9.58
CA GLN B 171 17.68 -18.46 -9.64
C GLN B 171 16.84 -17.23 -9.98
N GLY B 172 17.21 -16.04 -9.42
CA GLY B 172 16.51 -14.84 -9.79
C GLY B 172 16.65 -14.58 -11.30
N ALA B 173 17.89 -14.76 -11.84
CA ALA B 173 18.05 -14.54 -13.26
C ALA B 173 17.26 -15.56 -14.09
N ALA B 174 17.22 -16.84 -13.63
CA ALA B 174 16.43 -17.85 -14.33
C ALA B 174 14.92 -17.51 -14.30
N ASN B 175 14.44 -17.02 -13.14
CA ASN B 175 13.04 -16.60 -13.05
C ASN B 175 12.79 -15.42 -14.00
N ALA B 176 13.72 -14.47 -14.07
CA ALA B 176 13.53 -13.35 -14.98
C ALA B 176 13.44 -13.84 -16.44
N LEU B 177 14.25 -14.86 -16.80
CA LEU B 177 14.16 -15.43 -18.14
C LEU B 177 12.77 -16.01 -18.42
N ALA B 178 12.21 -16.72 -17.43
CA ALA B 178 10.88 -17.31 -17.57
C ALA B 178 9.80 -16.22 -17.60
N ALA B 179 10.11 -15.03 -17.06
CA ALA B 179 9.17 -13.94 -17.03
C ALA B 179 9.12 -13.19 -18.36
N GLY B 180 10.02 -13.53 -19.28
CA GLY B 180 9.96 -12.90 -20.59
C GLY B 180 10.75 -11.58 -20.69
N PHE B 181 11.67 -11.31 -19.76
CA PHE B 181 12.57 -10.17 -19.95
C PHE B 181 13.51 -10.36 -21.16
N ASP B 182 14.04 -9.22 -21.63
CA ASP B 182 15.05 -9.24 -22.68
C ASP B 182 16.45 -9.45 -22.12
N GLY B 183 16.62 -9.21 -20.80
CA GLY B 183 17.93 -9.37 -20.19
C GLY B 183 17.82 -8.96 -18.70
N VAL B 184 18.96 -8.88 -18.02
CA VAL B 184 19.01 -8.58 -16.60
C VAL B 184 20.16 -7.61 -16.33
N GLU B 185 19.98 -6.79 -15.27
CA GLU B 185 21.07 -5.94 -14.80
C GLU B 185 21.36 -6.37 -13.35
N ILE B 186 22.63 -6.61 -13.03
CA ILE B 186 23.03 -6.94 -11.67
C ILE B 186 23.25 -5.64 -10.90
N HIS B 187 22.49 -5.46 -9.81
CA HIS B 187 22.60 -4.25 -9.02
C HIS B 187 23.80 -4.37 -8.09
N ALA B 188 24.95 -3.79 -8.50
CA ALA B 188 26.15 -3.80 -7.69
C ALA B 188 26.47 -2.37 -7.26
N ALA B 189 25.42 -1.59 -7.04
CA ALA B 189 25.56 -0.17 -6.74
C ALA B 189 24.77 0.17 -5.47
N ASN B 190 24.83 1.48 -5.12
CA ASN B 190 24.02 2.13 -4.12
C ASN B 190 24.13 1.51 -2.73
N GLY B 191 25.21 0.78 -2.43
CA GLY B 191 25.41 0.24 -1.09
C GLY B 191 24.53 -0.96 -0.75
N TYR B 192 24.05 -1.68 -1.78
CA TYR B 192 23.35 -2.94 -1.55
C TYR B 192 24.32 -4.12 -1.44
N LEU B 193 23.83 -5.37 -1.45
CA LEU B 193 24.70 -6.47 -0.96
C LEU B 193 26.04 -6.56 -1.70
N ILE B 194 26.00 -6.63 -3.04
CA ILE B 194 27.24 -6.77 -3.79
C ILE B 194 28.18 -5.59 -3.54
N ASP B 195 27.64 -4.37 -3.52
CA ASP B 195 28.44 -3.18 -3.26
C ASP B 195 29.01 -3.17 -1.84
N GLN B 196 28.28 -3.77 -0.89
CA GLN B 196 28.77 -3.90 0.49
C GLN B 196 30.05 -4.73 0.50
N PHE B 197 30.08 -5.81 -0.32
CA PHE B 197 31.30 -6.59 -0.42
C PHE B 197 32.39 -5.83 -1.17
N LEU B 198 32.02 -5.06 -2.19
N LEU B 198 32.03 -5.01 -2.16
CA LEU B 198 33.01 -4.37 -3.03
CA LEU B 198 33.05 -4.41 -3.00
C LEU B 198 33.85 -3.41 -2.17
C LEU B 198 33.85 -3.34 -2.25
N ARG B 199 33.21 -2.60 -1.35
CA ARG B 199 33.80 -1.41 -0.72
C ARG B 199 34.31 -1.69 0.68
N ASP B 200 35.52 -1.16 0.98
CA ASP B 200 36.14 -1.54 2.24
C ASP B 200 35.50 -0.90 3.45
N GLY B 201 34.63 0.08 3.23
CA GLY B 201 33.96 0.69 4.38
C GLY B 201 32.94 -0.28 5.00
N THR B 202 32.44 -1.22 4.18
CA THR B 202 31.37 -2.13 4.59
C THR B 202 31.86 -3.58 4.67
N ASN B 203 33.09 -3.84 4.17
CA ASN B 203 33.62 -5.19 4.13
C ASN B 203 34.93 -5.23 4.91
N GLN B 204 34.92 -5.86 6.09
N GLN B 204 34.89 -5.91 6.08
CA GLN B 204 36.15 -6.07 6.82
CA GLN B 204 36.02 -6.10 6.98
C GLN B 204 36.36 -7.57 7.04
C GLN B 204 36.42 -7.58 7.02
N ARG B 205 35.94 -8.38 6.05
CA ARG B 205 36.11 -9.82 6.12
C ARG B 205 37.59 -10.22 6.03
N THR B 206 37.88 -11.43 6.55
CA THR B 206 39.24 -11.96 6.54
C THR B 206 39.38 -13.25 5.74
N ASP B 207 38.31 -13.64 5.04
CA ASP B 207 38.38 -14.79 4.13
C ASP B 207 38.67 -14.30 2.71
N GLU B 208 38.42 -15.16 1.71
CA GLU B 208 38.73 -14.84 0.32
C GLU B 208 37.71 -13.86 -0.27
N TYR B 209 36.76 -13.38 0.54
CA TYR B 209 35.80 -12.38 0.06
C TYR B 209 36.06 -11.00 0.67
N GLY B 210 37.19 -10.83 1.39
CA GLY B 210 37.52 -9.54 2.00
C GLY B 210 39.00 -9.23 1.85
N GLY B 211 39.38 -7.95 2.07
CA GLY B 211 40.80 -7.60 2.07
C GLY B 211 41.21 -7.02 0.72
N ALA B 212 42.00 -7.80 0.01
CA ALA B 212 42.47 -7.44 -1.31
C ALA B 212 41.32 -7.17 -2.26
N ILE B 213 41.61 -6.34 -3.28
CA ILE B 213 40.59 -5.97 -4.25
C ILE B 213 40.05 -7.22 -4.96
N GLU B 214 40.92 -8.19 -5.32
CA GLU B 214 40.44 -9.39 -6.01
C GLU B 214 39.46 -10.16 -5.12
N ASN B 215 39.63 -10.03 -3.79
CA ASN B 215 38.71 -10.69 -2.87
C ASN B 215 37.39 -9.91 -2.72
N ARG B 216 37.47 -8.57 -2.64
N ARG B 216 37.48 -8.57 -2.63
CA ARG B 216 36.27 -7.76 -2.50
CA ARG B 216 36.27 -7.77 -2.50
C ARG B 216 35.40 -7.83 -3.76
C ARG B 216 35.40 -7.88 -3.75
N ALA B 217 36.04 -8.03 -4.92
CA ALA B 217 35.33 -8.12 -6.20
C ALA B 217 34.78 -9.53 -6.43
N ARG B 218 35.20 -10.49 -5.58
CA ARG B 218 34.94 -11.89 -5.89
C ARG B 218 33.44 -12.19 -5.96
N LEU B 219 32.64 -11.68 -5.01
CA LEU B 219 31.20 -11.93 -5.04
C LEU B 219 30.60 -11.46 -6.36
N LEU B 220 30.89 -10.20 -6.73
CA LEU B 220 30.36 -9.68 -8.01
C LEU B 220 30.73 -10.61 -9.17
N LEU B 221 32.00 -11.03 -9.22
CA LEU B 221 32.44 -11.85 -10.35
C LEU B 221 31.75 -13.23 -10.36
N GLU B 222 31.57 -13.84 -9.18
CA GLU B 222 30.93 -15.16 -9.11
C GLU B 222 29.44 -15.02 -9.47
N VAL B 223 28.80 -13.93 -9.01
CA VAL B 223 27.39 -13.71 -9.38
C VAL B 223 27.28 -13.56 -10.91
N THR B 224 28.18 -12.75 -11.48
CA THR B 224 28.22 -12.51 -12.94
C THR B 224 28.38 -13.83 -13.71
N GLU B 225 29.37 -14.64 -13.31
N GLU B 225 29.33 -14.66 -13.28
CA GLU B 225 29.61 -15.96 -13.89
CA GLU B 225 29.62 -15.96 -13.89
C GLU B 225 28.32 -16.79 -13.85
C GLU B 225 28.40 -16.89 -13.80
N ALA B 226 27.69 -16.88 -12.66
CA ALA B 226 26.48 -17.69 -12.51
C ALA B 226 25.38 -17.20 -13.45
N ILE B 227 25.21 -15.89 -13.54
CA ILE B 227 24.11 -15.34 -14.33
C ILE B 227 24.38 -15.53 -15.83
N THR B 228 25.66 -15.41 -16.26
CA THR B 228 25.99 -15.62 -17.68
C THR B 228 25.93 -17.10 -18.05
N SER B 229 25.66 -18.00 -17.09
CA SER B 229 25.37 -19.38 -17.43
C SER B 229 23.87 -19.61 -17.67
N VAL B 230 23.06 -18.59 -17.36
CA VAL B 230 21.62 -18.61 -17.50
C VAL B 230 21.24 -17.85 -18.77
N TRP B 231 21.82 -16.66 -18.92
CA TRP B 231 21.53 -15.76 -20.01
C TRP B 231 22.73 -15.70 -20.96
N ASP B 232 22.48 -15.54 -22.27
N ASP B 232 22.46 -15.51 -22.26
CA ASP B 232 23.60 -15.13 -23.11
CA ASP B 232 23.51 -15.03 -23.15
C ASP B 232 24.19 -13.87 -22.48
C ASP B 232 24.18 -13.82 -22.50
N SER B 233 25.52 -13.78 -22.47
CA SER B 233 26.22 -12.75 -21.70
C SER B 233 25.89 -11.34 -22.19
N GLN B 234 25.56 -11.20 -23.49
CA GLN B 234 25.25 -9.88 -24.05
C GLN B 234 23.85 -9.42 -23.65
N ARG B 235 23.17 -10.23 -22.82
N ARG B 235 23.18 -10.20 -22.80
CA ARG B 235 21.90 -9.80 -22.22
CA ARG B 235 21.92 -9.74 -22.22
C ARG B 235 22.06 -9.56 -20.71
C ARG B 235 22.06 -9.58 -20.71
N VAL B 236 23.30 -9.52 -20.20
CA VAL B 236 23.56 -9.29 -18.79
C VAL B 236 24.33 -7.98 -18.65
N GLY B 237 23.80 -7.05 -17.86
CA GLY B 237 24.58 -5.84 -17.55
C GLY B 237 24.92 -5.77 -16.06
N VAL B 238 25.81 -4.84 -15.69
CA VAL B 238 26.18 -4.63 -14.28
C VAL B 238 26.08 -3.14 -14.00
N ARG B 239 25.53 -2.78 -12.82
CA ARG B 239 25.47 -1.37 -12.42
C ARG B 239 26.42 -1.12 -11.26
N LEU B 240 27.26 -0.07 -11.38
CA LEU B 240 28.10 0.38 -10.28
C LEU B 240 27.81 1.84 -9.99
N SER B 241 28.21 2.29 -8.79
CA SER B 241 28.03 3.70 -8.46
C SER B 241 29.24 4.21 -7.69
N PRO B 242 30.39 4.35 -8.36
CA PRO B 242 31.69 4.48 -7.70
C PRO B 242 31.83 5.52 -6.58
N LEU B 243 31.11 6.65 -6.68
CA LEU B 243 31.28 7.72 -5.70
C LEU B 243 30.02 8.04 -4.90
N THR B 244 29.02 7.16 -4.97
CA THR B 244 27.93 7.35 -4.02
C THR B 244 28.40 7.14 -2.56
N THR B 245 27.67 7.77 -1.64
CA THR B 245 27.81 7.55 -0.21
C THR B 245 26.48 7.01 0.35
N LEU B 246 25.53 6.77 -0.55
CA LEU B 246 24.24 6.17 -0.20
C LEU B 246 24.41 4.97 0.72
N ASN B 247 23.52 4.85 1.72
CA ASN B 247 23.46 3.64 2.53
C ASN B 247 24.78 3.37 3.25
N GLY B 248 25.57 4.42 3.52
CA GLY B 248 26.75 4.26 4.36
C GLY B 248 27.86 3.45 3.71
N CYS B 249 27.86 3.35 2.36
CA CYS B 249 28.77 2.43 1.69
C CYS B 249 29.80 3.24 0.91
N VAL B 250 31.06 3.28 1.41
CA VAL B 250 32.13 4.05 0.79
C VAL B 250 33.39 3.19 0.71
N ASP B 251 34.18 3.36 -0.36
CA ASP B 251 35.47 2.72 -0.46
C ASP B 251 36.58 3.76 -0.30
N SER B 252 37.70 3.35 0.32
CA SER B 252 38.78 4.31 0.60
C SER B 252 39.66 4.56 -0.61
N HIS B 253 39.65 3.67 -1.60
CA HIS B 253 40.46 3.85 -2.80
C HIS B 253 39.60 3.59 -4.04
N PRO B 254 38.59 4.45 -4.27
CA PRO B 254 37.59 4.16 -5.30
C PRO B 254 38.17 4.04 -6.72
N LEU B 255 39.20 4.85 -7.03
CA LEU B 255 39.76 4.76 -8.38
C LEU B 255 40.34 3.35 -8.64
N GLU B 256 41.09 2.86 -7.64
N GLU B 256 41.07 2.83 -7.64
CA GLU B 256 41.69 1.53 -7.68
CA GLU B 256 41.69 1.50 -7.73
C GLU B 256 40.59 0.47 -7.73
C GLU B 256 40.64 0.40 -7.68
N THR B 257 39.63 0.55 -6.82
CA THR B 257 38.59 -0.48 -6.71
C THR B 257 37.78 -0.58 -8.00
N PHE B 258 37.24 0.56 -8.44
CA PHE B 258 36.30 0.52 -9.54
C PHE B 258 37.01 0.36 -10.89
N GLY B 259 38.26 0.86 -11.00
CA GLY B 259 39.05 0.59 -12.19
C GLY B 259 39.34 -0.90 -12.34
N TYR B 260 39.66 -1.56 -11.21
CA TYR B 260 39.89 -3.00 -11.23
C TYR B 260 38.62 -3.71 -11.73
N VAL B 261 37.47 -3.36 -11.14
CA VAL B 261 36.25 -4.04 -11.53
C VAL B 261 35.95 -3.86 -13.02
N ALA B 262 36.07 -2.61 -13.50
CA ALA B 262 35.81 -2.34 -14.92
C ALA B 262 36.60 -3.29 -15.83
N GLN B 263 37.90 -3.46 -15.55
CA GLN B 263 38.70 -4.32 -16.41
C GLN B 263 38.34 -5.79 -16.17
N ALA B 264 38.05 -6.16 -14.92
CA ALA B 264 37.77 -7.55 -14.57
C ALA B 264 36.51 -8.06 -15.26
N LEU B 265 35.58 -7.15 -15.62
CA LEU B 265 34.33 -7.57 -16.21
C LEU B 265 34.49 -7.88 -17.69
N ASN B 266 35.59 -7.45 -18.30
CA ASN B 266 35.66 -7.56 -19.75
C ASN B 266 35.54 -9.00 -20.22
N ARG B 267 36.14 -9.92 -19.48
CA ARG B 267 36.18 -11.29 -19.98
C ARG B 267 34.81 -11.96 -20.00
N PHE B 268 33.80 -11.35 -19.37
CA PHE B 268 32.47 -11.93 -19.37
C PHE B 268 31.65 -11.54 -20.59
N ASN B 269 32.12 -10.60 -21.43
CA ASN B 269 31.45 -10.23 -22.67
C ASN B 269 30.00 -9.80 -22.38
N LEU B 270 29.86 -8.84 -21.47
CA LEU B 270 28.57 -8.44 -20.98
C LEU B 270 27.84 -7.50 -21.93
N SER B 271 26.56 -7.34 -21.65
CA SER B 271 25.72 -6.41 -22.39
C SER B 271 26.28 -4.99 -22.27
N TYR B 272 26.64 -4.62 -21.05
CA TYR B 272 27.06 -3.25 -20.78
C TYR B 272 27.53 -3.15 -19.35
N LEU B 273 28.19 -2.01 -19.10
CA LEU B 273 28.46 -1.52 -17.75
C LEU B 273 27.72 -0.21 -17.59
N HIS B 274 26.99 -0.07 -16.49
CA HIS B 274 26.13 1.09 -16.25
C HIS B 274 26.67 1.83 -15.02
N ILE B 275 27.05 3.11 -15.17
CA ILE B 275 27.61 3.89 -14.09
C ILE B 275 26.60 4.96 -13.67
N PHE B 276 26.18 4.89 -12.40
CA PHE B 276 25.50 6.02 -11.79
C PHE B 276 26.59 6.93 -11.21
N GLU B 277 26.67 8.13 -11.80
CA GLU B 277 27.65 9.14 -11.40
C GLU B 277 27.03 9.98 -10.29
N ALA B 278 27.52 9.81 -9.06
CA ALA B 278 26.89 10.48 -7.93
C ALA B 278 26.85 11.97 -8.20
N ILE B 279 25.74 12.59 -7.81
CA ILE B 279 25.43 13.97 -8.14
C ILE B 279 26.44 14.90 -7.50
N ASP B 280 26.97 14.51 -6.33
CA ASP B 280 27.89 15.40 -5.62
C ASP B 280 29.35 15.00 -5.86
N ALA B 281 29.61 14.15 -6.88
CA ALA B 281 30.96 13.64 -7.08
C ALA B 281 31.97 14.78 -7.15
N ASP B 282 31.64 15.82 -7.91
CA ASP B 282 32.62 16.89 -8.05
C ASP B 282 32.72 17.72 -6.77
N ILE B 283 31.56 18.05 -6.20
CA ILE B 283 31.41 19.00 -5.12
C ILE B 283 32.24 18.51 -3.92
N ARG B 284 32.20 17.19 -3.69
CA ARG B 284 32.53 16.51 -2.44
C ARG B 284 34.00 16.11 -2.47
N HIS B 285 34.56 16.05 -3.69
CA HIS B 285 35.87 15.46 -3.89
C HIS B 285 36.85 16.45 -4.50
N GLY B 286 36.43 17.73 -4.60
CA GLY B 286 37.25 18.82 -5.16
C GLY B 286 37.76 18.45 -6.56
N GLY B 287 36.82 18.05 -7.41
CA GLY B 287 37.14 17.25 -8.57
C GLY B 287 36.79 15.80 -8.26
N THR B 288 36.13 15.16 -9.22
CA THR B 288 35.88 13.74 -9.04
C THR B 288 37.16 12.92 -8.91
N VAL B 289 37.17 12.01 -7.94
CA VAL B 289 38.29 11.10 -7.76
C VAL B 289 38.16 9.91 -8.73
N VAL B 290 36.98 9.67 -9.32
CA VAL B 290 36.85 8.57 -10.29
C VAL B 290 36.16 9.10 -11.53
N PRO B 291 36.87 9.79 -12.45
CA PRO B 291 36.19 10.26 -13.65
C PRO B 291 35.71 9.04 -14.44
N THR B 292 34.50 9.12 -14.95
CA THR B 292 33.93 8.00 -15.70
C THR B 292 34.85 7.64 -16.87
N SER B 293 35.56 8.63 -17.42
CA SER B 293 36.55 8.33 -18.46
C SER B 293 37.50 7.21 -18.07
N HIS B 294 37.87 7.12 -16.80
CA HIS B 294 38.74 6.05 -16.34
C HIS B 294 38.09 4.68 -16.53
N LEU B 295 36.79 4.62 -16.26
CA LEU B 295 36.10 3.34 -16.40
C LEU B 295 35.83 3.03 -17.87
N ARG B 296 35.52 4.07 -18.67
CA ARG B 296 35.30 3.93 -20.09
C ARG B 296 36.57 3.41 -20.77
N ASP B 297 37.74 3.77 -20.22
CA ASP B 297 39.01 3.29 -20.77
C ASP B 297 39.24 1.84 -20.38
N ARG B 298 38.74 1.42 -19.21
CA ARG B 298 39.09 0.09 -18.68
C ARG B 298 38.08 -0.98 -19.11
N PHE B 299 36.80 -0.60 -19.28
CA PHE B 299 35.77 -1.54 -19.73
C PHE B 299 35.59 -1.34 -21.24
N THR B 300 35.72 -2.40 -22.05
CA THR B 300 35.79 -2.22 -23.51
C THR B 300 34.42 -2.37 -24.18
N GLY B 301 33.36 -2.65 -23.40
CA GLY B 301 32.04 -2.87 -23.97
C GLY B 301 31.16 -1.60 -23.94
N THR B 302 29.85 -1.80 -24.07
CA THR B 302 28.86 -0.72 -24.06
C THR B 302 28.87 -0.08 -22.66
N LEU B 303 28.93 1.26 -22.61
CA LEU B 303 28.88 1.99 -21.34
C LEU B 303 27.60 2.79 -21.29
N ILE B 304 26.83 2.64 -20.20
CA ILE B 304 25.68 3.51 -19.92
C ILE B 304 26.10 4.46 -18.80
N VAL B 305 25.87 5.76 -18.98
CA VAL B 305 26.11 6.73 -17.92
C VAL B 305 24.77 7.31 -17.44
N ASN B 306 24.77 7.84 -16.21
CA ASN B 306 23.55 8.27 -15.56
C ASN B 306 23.91 9.25 -14.45
N GLY B 307 23.00 10.21 -14.21
CA GLY B 307 23.07 11.12 -13.06
C GLY B 307 22.99 12.57 -13.52
N GLY B 308 21.77 13.12 -13.44
CA GLY B 308 21.56 14.51 -13.79
C GLY B 308 21.69 14.82 -15.29
N TYR B 309 21.46 13.85 -16.19
CA TYR B 309 21.56 14.10 -17.63
C TYR B 309 20.38 14.90 -18.17
N THR B 310 20.66 15.58 -19.29
CA THR B 310 19.73 16.43 -20.04
C THR B 310 19.92 16.09 -21.51
N ARG B 311 19.08 16.65 -22.41
CA ARG B 311 19.33 16.48 -23.83
C ARG B 311 20.76 16.94 -24.17
N GLU B 312 21.08 18.15 -23.66
N GLU B 312 21.18 18.12 -23.69
CA GLU B 312 22.35 18.84 -23.86
CA GLU B 312 22.47 18.63 -24.13
C GLU B 312 23.49 17.88 -23.51
C GLU B 312 23.62 17.83 -23.52
N LYS B 313 23.50 17.43 -22.25
CA LYS B 313 24.55 16.63 -21.63
C LYS B 313 24.63 15.24 -22.24
N GLY B 314 23.47 14.64 -22.53
CA GLY B 314 23.44 13.33 -23.16
C GLY B 314 24.05 13.37 -24.57
N ASP B 315 23.67 14.38 -25.35
CA ASP B 315 24.16 14.45 -26.71
C ASP B 315 25.68 14.59 -26.67
N THR B 316 26.18 15.39 -25.71
CA THR B 316 27.61 15.66 -25.66
C THR B 316 28.39 14.36 -25.38
N VAL B 317 27.93 13.61 -24.36
CA VAL B 317 28.66 12.40 -24.02
C VAL B 317 28.64 11.37 -25.16
N ILE B 318 27.52 11.31 -25.89
CA ILE B 318 27.44 10.41 -27.02
C ILE B 318 28.39 10.86 -28.13
N ALA B 319 28.41 12.18 -28.41
CA ALA B 319 29.15 12.64 -29.56
C ALA B 319 30.64 12.56 -29.27
N ASN B 320 31.02 12.74 -28.00
CA ASN B 320 32.42 12.69 -27.59
C ASN B 320 32.92 11.24 -27.43
N LYS B 321 32.05 10.25 -27.63
CA LYS B 321 32.37 8.84 -27.41
C LYS B 321 32.65 8.53 -25.92
N ALA B 322 32.20 9.39 -24.98
CA ALA B 322 32.40 9.12 -23.55
C ALA B 322 31.44 8.05 -23.01
N ALA B 323 30.32 7.83 -23.71
CA ALA B 323 29.33 6.79 -23.37
C ALA B 323 28.58 6.38 -24.62
N ASP B 324 27.97 5.20 -24.61
CA ASP B 324 27.12 4.71 -25.69
C ASP B 324 25.64 4.99 -25.41
N LEU B 325 25.24 4.94 -24.14
CA LEU B 325 23.82 5.02 -23.76
C LEU B 325 23.74 5.93 -22.54
N VAL B 326 22.59 6.61 -22.40
CA VAL B 326 22.42 7.57 -21.31
C VAL B 326 21.11 7.22 -20.61
N ALA B 327 21.19 6.89 -19.30
CA ALA B 327 19.97 6.56 -18.58
C ALA B 327 19.48 7.76 -17.78
N PHE B 328 18.15 7.94 -17.82
CA PHE B 328 17.46 8.99 -17.10
C PHE B 328 16.53 8.32 -16.08
N GLY B 329 16.63 8.80 -14.84
CA GLY B 329 15.79 8.29 -13.77
C GLY B 329 14.61 9.24 -13.56
N THR B 330 14.87 10.32 -12.80
CA THR B 330 13.85 11.29 -12.40
C THR B 330 12.96 11.70 -13.59
N LEU B 331 13.56 12.06 -14.72
CA LEU B 331 12.77 12.58 -15.84
C LEU B 331 11.83 11.51 -16.39
N PHE B 332 12.18 10.22 -16.25
CA PHE B 332 11.28 9.16 -16.73
C PHE B 332 10.11 8.94 -15.78
N ILE B 333 10.26 9.24 -14.49
CA ILE B 333 9.11 9.19 -13.61
C ILE B 333 8.00 10.09 -14.18
N SER B 334 8.38 11.32 -14.48
CA SER B 334 7.38 12.34 -14.80
C SER B 334 7.04 12.44 -16.28
N ASN B 335 7.86 11.88 -17.18
CA ASN B 335 7.65 12.06 -18.61
C ASN B 335 7.65 10.68 -19.28
N PRO B 336 6.47 10.06 -19.46
CA PRO B 336 6.42 8.71 -20.03
C PRO B 336 7.04 8.69 -21.43
N ASP B 337 6.76 9.76 -22.19
CA ASP B 337 7.27 9.95 -23.53
C ASP B 337 8.50 10.85 -23.51
N LEU B 338 9.42 10.59 -22.57
CA LEU B 338 10.65 11.37 -22.51
C LEU B 338 11.40 11.43 -23.84
N PRO B 339 11.64 10.31 -24.56
CA PRO B 339 12.36 10.37 -25.84
C PRO B 339 11.80 11.38 -26.83
N GLU B 340 10.47 11.36 -27.04
CA GLU B 340 9.80 12.32 -27.92
C GLU B 340 10.03 13.75 -27.41
N ARG B 341 9.85 13.97 -26.11
CA ARG B 341 9.94 15.31 -25.57
C ARG B 341 11.35 15.89 -25.76
N LEU B 342 12.36 15.05 -25.52
CA LEU B 342 13.74 15.49 -25.74
C LEU B 342 13.98 15.78 -27.20
N GLU B 343 13.43 14.94 -28.08
CA GLU B 343 13.74 15.04 -29.50
C GLU B 343 13.21 16.35 -30.07
N VAL B 344 12.03 16.79 -29.60
CA VAL B 344 11.46 18.00 -30.18
C VAL B 344 11.65 19.21 -29.26
N ASN B 345 12.39 19.01 -28.15
N ASN B 345 12.48 19.08 -28.21
CA ASN B 345 12.71 20.10 -27.24
CA ASN B 345 12.67 20.19 -27.27
C ASN B 345 11.43 20.63 -26.57
C ASN B 345 11.31 20.65 -26.77
N ALA B 346 10.49 19.72 -26.28
CA ALA B 346 9.20 20.09 -25.67
C ALA B 346 9.43 20.43 -24.20
N PRO B 347 8.43 21.05 -23.51
CA PRO B 347 8.48 21.19 -22.07
C PRO B 347 8.49 19.81 -21.40
N LEU B 348 9.06 19.74 -20.19
CA LEU B 348 9.11 18.48 -19.47
C LEU B 348 8.23 18.60 -18.23
N ASN B 349 7.49 17.53 -17.91
CA ASN B 349 6.71 17.52 -16.68
C ASN B 349 7.67 17.46 -15.49
N GLN B 350 7.28 18.09 -14.38
CA GLN B 350 8.08 18.06 -13.16
C GLN B 350 7.70 16.86 -12.30
N ALA B 351 8.70 16.11 -11.81
CA ALA B 351 8.43 14.94 -10.99
C ALA B 351 8.06 15.39 -9.58
N ASP B 352 7.08 14.70 -8.98
CA ASP B 352 6.59 15.01 -7.63
C ASP B 352 7.15 13.96 -6.68
N PRO B 353 8.21 14.28 -5.88
CA PRO B 353 8.80 13.32 -4.96
C PRO B 353 7.83 12.65 -3.99
N LYS B 354 6.71 13.30 -3.70
CA LYS B 354 5.81 12.78 -2.68
C LYS B 354 5.15 11.47 -3.14
N THR B 355 5.18 11.20 -4.45
CA THR B 355 4.52 10.00 -4.96
C THR B 355 5.53 9.07 -5.63
N PHE B 356 6.82 9.30 -5.37
CA PHE B 356 7.82 8.36 -5.85
C PHE B 356 7.57 6.95 -5.31
N TYR B 357 7.34 6.83 -4.00
CA TYR B 357 7.40 5.51 -3.37
C TYR B 357 6.05 5.14 -2.79
N GLY B 358 5.46 4.06 -3.31
CA GLY B 358 4.24 3.52 -2.72
C GLY B 358 3.01 4.20 -3.32
N GLY B 359 1.84 3.64 -3.04
CA GLY B 359 0.61 4.27 -3.47
C GLY B 359 0.04 3.59 -4.72
N GLY B 360 -0.57 4.41 -5.58
CA GLY B 360 -1.37 3.90 -6.66
C GLY B 360 -1.09 4.66 -7.97
N GLU B 361 -2.15 4.99 -8.70
CA GLU B 361 -2.00 5.64 -10.00
C GLU B 361 -1.41 7.03 -9.87
N LYS B 362 -1.69 7.74 -8.77
N LYS B 362 -1.71 7.74 -8.78
CA LYS B 362 -1.32 9.15 -8.66
CA LYS B 362 -1.30 9.13 -8.62
C LYS B 362 0.20 9.27 -8.59
C LYS B 362 0.22 9.20 -8.64
N GLY B 363 0.76 10.06 -9.51
CA GLY B 363 2.23 10.20 -9.61
C GLY B 363 2.91 8.93 -10.08
N TYR B 364 2.17 8.11 -10.83
CA TYR B 364 2.73 6.86 -11.33
C TYR B 364 2.37 6.68 -12.80
N THR B 365 1.06 6.54 -13.10
CA THR B 365 0.60 6.32 -14.47
C THR B 365 -0.15 7.54 -14.99
N ASP B 366 -0.26 8.62 -14.19
CA ASP B 366 -1.07 9.77 -14.57
C ASP B 366 -0.25 11.01 -14.89
N TYR B 367 1.07 10.86 -15.10
CA TYR B 367 1.80 11.94 -15.73
C TYR B 367 1.42 11.98 -17.21
N PRO B 368 1.06 13.17 -17.74
CA PRO B 368 0.53 13.23 -19.09
C PRO B 368 1.57 13.11 -20.21
N PHE B 369 1.09 12.58 -21.32
CA PHE B 369 1.83 12.57 -22.57
C PHE B 369 1.73 13.94 -23.22
N LEU B 370 2.68 14.19 -24.14
CA LEU B 370 2.69 15.42 -24.90
C LEU B 370 1.44 15.44 -25.79
N1 FMN C . -21.10 5.94 12.40
C2 FMN C . -21.05 4.59 12.34
O2 FMN C . -20.02 4.02 11.96
N3 FMN C . -22.15 3.80 12.66
C4 FMN C . -23.31 4.34 13.13
O4 FMN C . -24.28 3.62 13.31
C4A FMN C . -23.39 5.76 13.21
N5 FMN C . -24.49 6.34 13.72
C5A FMN C . -24.56 7.71 13.67
C6 FMN C . -25.76 8.32 14.04
C7 FMN C . -25.97 9.68 13.87
C7M FMN C . -27.30 10.30 14.25
C8 FMN C . -24.90 10.51 13.43
C8M FMN C . -25.07 11.99 13.27
C9 FMN C . -23.67 9.92 13.19
C9A FMN C . -23.50 8.52 13.25
N10 FMN C . -22.31 7.89 12.88
C10 FMN C . -22.23 6.50 12.80
C1' FMN C . -21.23 8.64 12.25
C2' FMN C . -21.66 8.94 10.78
O2' FMN C . -21.69 7.74 9.99
C3' FMN C . -20.71 9.89 10.06
O3' FMN C . -19.41 9.29 10.01
C4' FMN C . -20.57 11.25 10.74
O4' FMN C . -21.87 11.77 11.04
C5' FMN C . -19.75 12.25 9.93
O5' FMN C . -20.27 12.38 8.58
P FMN C . -21.22 13.62 8.16
O1P FMN C . -21.50 13.42 6.67
O2P FMN C . -20.41 14.90 8.42
O3P FMN C . -22.45 13.51 9.05
C1 EDO D . -21.99 -14.14 -0.71
O1 EDO D . -21.08 -13.27 -1.38
C2 EDO D . -21.65 -15.57 -0.82
O2 EDO D . -21.44 -15.90 -2.22
C1 EDO E . -18.48 -14.02 24.66
C1 EDO E . -17.40 -14.20 24.78
O1 EDO E . -19.85 -13.86 24.31
O1 EDO E . -17.53 -15.48 25.33
C2 EDO E . -18.14 -14.02 26.12
C2 EDO E . -18.65 -13.39 24.76
O2 EDO E . -19.09 -13.42 26.98
O2 EDO E . -19.85 -14.16 24.57
C1 EDO F . -14.21 -14.48 -0.11
C1 EDO F . -17.86 -16.64 -0.11
O1 EDO F . -13.71 -14.03 -1.37
O1 EDO F . -16.95 -16.72 -1.18
C2 EDO F . -14.78 -15.81 -0.30
C2 EDO F . -17.58 -17.71 0.85
O2 EDO F . -15.99 -15.96 0.36
O2 EDO F . -16.39 -18.43 0.52
C1 A1I6V G . -22.51 3.18 16.32
C2 A1I6V G . -21.93 4.55 16.13
O1 A1I6V G . -20.93 4.57 15.55
C3 A1I6V G . -22.43 5.86 16.62
C4 A1I6V G . -21.55 7.09 16.29
C5 A1I6V G . -21.72 8.28 17.19
C6 A1I6V G . -20.94 9.54 16.74
C7 A1I6V G . -20.27 9.59 15.41
O2 A1I6V G . -20.81 10.49 17.49
C8 A1I6V G . -21.08 7.92 18.57
C9 A1I6V G . -19.83 7.10 18.43
O3 A1I6V G . -21.46 8.20 19.69
C10 A1I6V G . -23.23 8.62 17.36
C11 A1I6V G . -24.17 7.44 17.51
C12 A1I6V G . -23.56 6.08 17.50
C13 A1I6V G . -24.28 4.85 17.95
NA NA H . -19.13 -10.73 -5.42
CL CL I . -36.87 5.94 -3.99
CL CL I . -35.32 7.10 -4.75
N1 FMN J . 18.85 3.01 -8.72
C2 FMN J . 18.94 1.69 -8.83
O2 FMN J . 20.02 1.14 -9.21
N3 FMN J . 17.89 0.86 -8.60
C4 FMN J . 16.68 1.35 -8.16
O4 FMN J . 15.72 0.57 -7.98
C4A FMN J . 16.57 2.76 -7.98
N5 FMN J . 15.47 3.28 -7.44
C5A FMN J . 15.33 4.65 -7.48
C6 FMN J . 14.11 5.23 -7.09
C7 FMN J . 13.89 6.60 -7.14
C7M FMN J . 12.52 7.18 -6.83
C8 FMN J . 14.94 7.46 -7.56
C8M FMN J . 14.76 8.95 -7.64
C9 FMN J . 16.20 6.89 -7.82
C9A FMN J . 16.40 5.50 -7.82
N10 FMN J . 17.61 4.91 -8.20
C10 FMN J . 17.72 3.54 -8.32
C1' FMN J . 18.69 5.76 -8.73
C2' FMN J . 18.29 6.09 -10.22
O2' FMN J . 18.31 4.91 -11.08
C3' FMN J . 19.27 7.10 -10.85
O3' FMN J . 20.54 6.47 -10.92
C4' FMN J . 19.39 8.42 -10.09
O4' FMN J . 18.08 8.91 -9.80
C5' FMN J . 20.18 9.46 -10.87
O5' FMN J . 19.65 9.66 -12.22
P FMN J . 18.69 10.91 -12.57
O1P FMN J . 18.49 10.75 -14.09
O2P FMN J . 19.44 12.21 -12.21
O3P FMN J . 17.42 10.75 -11.72
C1 EDO K . 22.18 -17.07 4.09
O1 EDO K . 21.04 -16.91 4.93
C2 EDO K . 21.85 -17.00 2.67
O2 EDO K . 20.49 -17.32 2.46
C1 EDO L . 1.15 0.23 -2.11
O1 EDO L . 2.42 0.84 -2.27
C2 EDO L . 1.28 -1.28 -2.11
O2 EDO L . 1.97 -1.67 -3.30
C1 A1I6V M . 17.28 0.22 -5.03
C2 A1I6V M . 18.00 1.53 -5.14
O1 A1I6V M . 19.03 1.58 -5.70
C3 A1I6V M . 17.48 2.78 -4.60
C4 A1I6V M . 18.33 4.06 -4.86
C5 A1I6V M . 18.06 5.18 -3.90
C6 A1I6V M . 18.79 6.48 -4.30
C7 A1I6V M . 18.71 7.61 -3.30
O2 A1I6V M . 19.39 6.63 -5.33
C8 A1I6V M . 18.68 4.75 -2.51
C9 A1I6V M . 17.99 5.05 -1.22
O3 A1I6V M . 19.73 4.14 -2.46
C10 A1I6V M . 16.54 5.44 -3.76
C11 A1I6V M . 15.64 4.20 -3.72
C12 A1I6V M . 16.33 2.88 -3.74
C13 A1I6V M . 15.73 1.58 -3.23
NA NA N . 16.18 5.13 -34.70
CL CL O . 41.39 -14.44 -7.41
#